data_9GCY
#
_entry.id   9GCY
#
_cell.length_a   45.705
_cell.length_b   108.633
_cell.length_c   93.894
_cell.angle_alpha   90.000
_cell.angle_beta   96.574
_cell.angle_gamma   90.000
#
_symmetry.space_group_name_H-M   'P 1 21 1'
#
loop_
_entity.id
_entity.type
_entity.pdbx_description
1 polymer 'DUF4374 domain-containing protein'
2 non-polymer 'CHLORIDE ION'
3 non-polymer '2-(N-MORPHOLINO)-ETHANESULFONIC ACID'
4 non-polymer 'CALCIUM ION'
5 water water
#
_entity_poly.entity_id   1
_entity_poly.type   'polypeptide(L)'
_entity_poly.pdbx_seq_one_letter_code
;MGTQSVQKGIAITYLHVTDQIMKNRDVIRGENFLGNGEYVTFAGILEANNKIYTAPIPMGLSVYGSAFEDGKWVKYPELV
KTEDGGSNSSSYEKGELQWTQYPNEAWVAIYNDENFNNPTLIRTDKISYACGRMRSQYYQTIWAADNGDVYVFSPSYAKI
MDADVQKTNLPAGVVRIKAGATDFDSYYCNLEELSGGKSFLRCWHITGDYFLLQMYTGEINSRGTGATRMAVFKATGNGD
KGELYYVDGLPEPDRISSFSGTPFCENGVAYVGVIPITADGETNHPAIYKIDPVTHTATKGLTVNATGITAIGRLAKDSH
STYVVSATVTSANSTANYLLATSTLESGSVTPGNNNGFETATGTAWIFYKDQYLYRLQYNQGNEGVTTAYELNTNGGIAK
RSNEYTITRFTTYGIFGENIISSSAVDATFTDLEHHHHHH
;
_entity_poly.pdbx_strand_id   A,B
#
loop_
_chem_comp.id
_chem_comp.type
_chem_comp.name
_chem_comp.formula
CA non-polymer 'CALCIUM ION' 'Ca 2'
CL non-polymer 'CHLORIDE ION' 'Cl -1'
MES non-polymer '2-(N-MORPHOLINO)-ETHANESULFONIC ACID' 'C6 H13 N O4 S'
#
# COMPACT_ATOMS: atom_id res chain seq x y z
N GLY A 2 22.35 48.38 -27.00
CA GLY A 2 21.16 47.71 -26.50
C GLY A 2 20.63 48.27 -25.20
N THR A 3 19.52 47.72 -24.73
CA THR A 3 18.85 48.17 -23.52
C THR A 3 19.00 47.13 -22.43
N GLN A 4 19.66 47.52 -21.33
CA GLN A 4 19.89 46.64 -20.17
C GLN A 4 18.74 46.73 -19.18
N SER A 5 18.30 45.58 -18.68
CA SER A 5 17.26 45.54 -17.68
C SER A 5 17.47 44.30 -16.82
N VAL A 6 16.88 44.34 -15.63
CA VAL A 6 16.88 43.18 -14.72
C VAL A 6 15.88 42.16 -15.25
N GLN A 7 16.36 40.95 -15.49
CA GLN A 7 15.54 39.83 -15.97
C GLN A 7 15.89 38.60 -15.14
N LYS A 8 15.13 37.51 -15.37
CA LYS A 8 15.42 36.24 -14.71
C LYS A 8 16.47 35.48 -15.52
N GLY A 9 17.48 34.99 -14.81
CA GLY A 9 18.52 34.21 -15.44
C GLY A 9 18.66 32.87 -14.75
N ILE A 10 19.56 32.04 -15.30
CA ILE A 10 19.90 30.73 -14.74
C ILE A 10 21.38 30.79 -14.42
N ALA A 11 21.73 30.69 -13.14
CA ALA A 11 23.12 30.66 -12.72
C ALA A 11 23.65 29.24 -12.73
N ILE A 12 24.93 29.09 -13.09
CA ILE A 12 25.63 27.83 -13.10
C ILE A 12 26.99 28.05 -12.44
N THR A 13 27.29 27.25 -11.43
CA THR A 13 28.56 27.29 -10.72
C THR A 13 29.22 25.93 -10.81
N TYR A 14 30.52 25.90 -11.09
CA TYR A 14 31.30 24.67 -11.14
C TYR A 14 32.32 24.63 -10.01
N LEU A 15 32.42 23.46 -9.36
CA LEU A 15 33.50 23.13 -8.43
C LEU A 15 34.26 21.97 -9.08
N HIS A 16 35.46 22.23 -9.60
CA HIS A 16 36.23 21.18 -10.25
C HIS A 16 36.96 20.38 -9.18
N VAL A 17 36.64 19.08 -9.08
CA VAL A 17 37.12 18.30 -7.94
C VAL A 17 38.61 17.99 -8.06
N THR A 18 39.18 17.98 -9.27
CA THR A 18 40.61 17.72 -9.40
C THR A 18 41.44 18.99 -9.20
N ASP A 19 41.08 20.07 -9.90
CA ASP A 19 41.86 21.30 -9.79
C ASP A 19 41.61 22.04 -8.49
N GLN A 20 40.54 21.71 -7.78
CA GLN A 20 40.06 22.49 -6.63
C GLN A 20 39.86 23.97 -6.98
N ILE A 21 39.12 24.22 -8.06
CA ILE A 21 38.87 25.56 -8.55
C ILE A 21 37.37 25.72 -8.81
N MET A 22 36.85 26.87 -8.40
CA MET A 22 35.48 27.29 -8.66
C MET A 22 35.41 28.21 -9.86
N LYS A 23 34.44 27.97 -10.74
CA LYS A 23 34.18 28.88 -11.85
C LYS A 23 32.70 29.22 -11.87
N ASN A 24 32.40 30.45 -12.29
CA ASN A 24 31.04 30.93 -12.51
C ASN A 24 30.82 31.00 -14.01
N ARG A 25 29.85 30.25 -14.52
CA ARG A 25 29.44 30.44 -15.89
C ARG A 25 28.78 31.82 -16.06
N ASP A 26 28.95 32.42 -17.24
CA ASP A 26 28.07 33.51 -17.60
C ASP A 26 26.61 33.09 -17.38
N VAL A 27 25.83 34.00 -16.81
CA VAL A 27 24.43 33.74 -16.55
C VAL A 27 23.68 33.45 -17.86
N ILE A 28 22.84 32.42 -17.83
CA ILE A 28 22.00 32.07 -18.97
C ILE A 28 20.67 32.82 -18.90
N ARG A 29 20.15 33.30 -20.03
CA ARG A 29 18.82 33.93 -20.01
C ARG A 29 17.75 32.91 -19.62
N GLY A 30 16.97 33.23 -18.57
CA GLY A 30 15.87 32.39 -18.13
C GLY A 30 14.56 32.84 -18.76
N GLU A 31 14.46 34.13 -19.10
CA GLU A 31 13.22 34.61 -19.71
C GLU A 31 12.94 33.87 -21.00
N ASN A 32 11.69 33.43 -21.16
CA ASN A 32 11.18 32.79 -22.36
C ASN A 32 11.98 31.51 -22.69
N PHE A 33 12.45 30.81 -21.64
CA PHE A 33 13.30 29.65 -21.88
C PHE A 33 12.59 28.57 -22.69
N LEU A 34 11.27 28.46 -22.51
CA LEU A 34 10.46 27.40 -23.11
C LEU A 34 9.56 27.94 -24.20
N GLY A 35 9.74 29.22 -24.58
CA GLY A 35 8.98 29.77 -25.69
C GLY A 35 7.59 30.26 -25.36
N ASN A 36 7.29 30.46 -24.08
CA ASN A 36 6.00 30.98 -23.68
C ASN A 36 6.16 32.16 -22.74
N GLY A 37 7.35 32.72 -22.66
CA GLY A 37 7.64 33.87 -21.83
C GLY A 37 8.06 33.57 -20.41
N GLU A 38 7.72 32.40 -19.88
CA GLU A 38 8.02 32.12 -18.48
C GLU A 38 9.52 31.85 -18.28
N TYR A 39 9.99 32.00 -17.03
CA TYR A 39 11.36 31.66 -16.67
C TYR A 39 11.33 30.33 -15.91
N VAL A 40 12.52 29.78 -15.66
CA VAL A 40 12.64 28.40 -15.18
C VAL A 40 13.67 28.26 -14.06
N THR A 41 13.49 27.18 -13.29
CA THR A 41 14.44 26.68 -12.32
C THR A 41 14.84 25.28 -12.76
N PHE A 42 16.14 25.03 -12.95
CA PHE A 42 16.58 23.67 -13.27
C PHE A 42 16.36 22.77 -12.07
N ALA A 43 15.75 21.61 -12.31
CA ALA A 43 15.66 20.56 -11.29
C ALA A 43 16.43 19.33 -11.77
N GLY A 44 17.58 19.06 -11.15
CA GLY A 44 18.42 17.93 -11.49
C GLY A 44 19.55 18.30 -12.43
N ILE A 45 20.75 17.75 -12.19
CA ILE A 45 21.86 17.79 -13.13
C ILE A 45 22.24 16.32 -13.36
N LEU A 46 21.59 15.67 -14.32
CA LEU A 46 21.68 14.22 -14.44
C LEU A 46 22.67 13.85 -15.53
N GLU A 47 23.74 13.18 -15.14
CA GLU A 47 24.71 12.67 -16.10
C GLU A 47 24.25 11.32 -16.65
N ALA A 48 24.07 11.25 -17.97
CA ALA A 48 23.74 9.96 -18.59
C ALA A 48 24.07 10.04 -20.08
N ASN A 49 24.57 8.93 -20.65
CA ASN A 49 24.88 8.92 -22.08
C ASN A 49 25.83 10.05 -22.47
N ASN A 50 26.71 10.43 -21.54
CA ASN A 50 27.71 11.47 -21.78
C ASN A 50 27.04 12.84 -22.04
N LYS A 51 25.85 13.04 -21.49
CA LYS A 51 25.09 14.28 -21.65
C LYS A 51 24.51 14.68 -20.28
N ILE A 52 24.03 15.92 -20.20
CA ILE A 52 23.37 16.43 -18.98
C ILE A 52 21.90 16.58 -19.31
N TYR A 53 21.06 15.99 -18.48
CA TYR A 53 19.61 16.15 -18.54
C TYR A 53 19.14 16.96 -17.35
N THR A 54 18.24 17.91 -17.57
CA THR A 54 17.59 18.61 -16.47
C THR A 54 16.14 18.85 -16.80
N ALA A 55 15.34 19.04 -15.76
CA ALA A 55 13.95 19.43 -15.95
C ALA A 55 13.84 20.94 -15.74
N PRO A 56 13.58 21.75 -16.76
CA PRO A 56 13.40 23.19 -16.52
C PRO A 56 12.00 23.44 -15.98
N ILE A 57 11.92 23.71 -14.68
CA ILE A 57 10.62 23.82 -13.98
C ILE A 57 10.09 25.24 -14.20
N PRO A 58 8.90 25.42 -14.79
CA PRO A 58 8.43 26.79 -15.06
C PRO A 58 8.08 27.50 -13.77
N MET A 59 8.29 28.83 -13.79
CA MET A 59 8.14 29.63 -12.59
C MET A 59 7.01 30.65 -12.71
N GLY A 60 6.36 30.75 -13.86
CA GLY A 60 5.50 31.87 -14.15
C GLY A 60 6.28 32.99 -14.83
N LEU A 61 5.79 34.22 -14.64
CA LEU A 61 6.36 35.37 -15.32
C LEU A 61 7.03 36.29 -14.32
N SER A 62 8.20 36.81 -14.70
CA SER A 62 8.82 37.84 -13.88
C SER A 62 8.10 39.17 -14.11
N VAL A 63 8.54 40.18 -13.37
CA VAL A 63 8.05 41.54 -13.63
C VAL A 63 8.36 41.94 -15.07
N TYR A 64 9.58 41.66 -15.52
CA TYR A 64 9.95 41.89 -16.91
C TYR A 64 9.06 41.07 -17.84
N GLY A 65 8.84 39.80 -17.54
CA GLY A 65 8.13 38.96 -18.48
C GLY A 65 6.66 39.28 -18.62
N SER A 66 6.02 39.78 -17.55
CA SER A 66 4.61 40.14 -17.62
CA SER A 66 4.61 40.11 -17.68
C SER A 66 4.43 41.44 -18.38
N ALA A 67 5.41 42.34 -18.30
CA ALA A 67 5.34 43.62 -19.01
C ALA A 67 5.76 43.51 -20.46
N PHE A 68 6.53 42.49 -20.81
CA PHE A 68 7.12 42.36 -22.14
C PHE A 68 6.07 42.50 -23.24
N GLU A 69 6.37 43.39 -24.19
CA GLU A 69 5.53 43.66 -25.36
C GLU A 69 4.05 43.68 -25.01
N ASP A 70 3.72 44.56 -24.06
CA ASP A 70 2.35 44.85 -23.64
C ASP A 70 1.61 43.59 -23.22
N GLY A 71 2.28 42.77 -22.41
CA GLY A 71 1.66 41.59 -21.83
C GLY A 71 1.45 40.45 -22.79
N LYS A 72 2.30 40.35 -23.82
CA LYS A 72 2.20 39.28 -24.81
C LYS A 72 2.10 37.92 -24.15
N TRP A 73 2.84 37.73 -23.07
CA TRP A 73 2.96 36.41 -22.48
C TRP A 73 1.91 36.15 -21.40
N VAL A 74 1.10 37.15 -21.08
CA VAL A 74 0.15 37.02 -19.98
C VAL A 74 -1.11 36.38 -20.54
N LYS A 75 -1.29 35.08 -20.24
CA LYS A 75 -2.50 34.38 -20.67
C LYS A 75 -3.65 34.63 -19.71
N TYR A 76 -3.37 34.72 -18.40
CA TYR A 76 -4.35 34.91 -17.35
C TYR A 76 -4.02 36.21 -16.60
N PRO A 77 -4.44 37.37 -17.12
CA PRO A 77 -4.07 38.64 -16.48
C PRO A 77 -4.60 38.78 -15.06
N GLU A 78 -5.69 38.09 -14.73
CA GLU A 78 -6.25 38.13 -13.40
C GLU A 78 -5.32 37.54 -12.34
N LEU A 79 -4.23 36.86 -12.74
CA LEU A 79 -3.28 36.32 -11.78
C LEU A 79 -2.06 37.21 -11.54
N VAL A 80 -1.79 38.18 -12.42
CA VAL A 80 -0.66 39.08 -12.21
C VAL A 80 -0.86 39.78 -10.88
N LYS A 81 0.19 39.81 -10.07
CA LYS A 81 0.08 40.38 -8.74
C LYS A 81 -0.03 41.89 -8.82
N THR A 82 -0.93 42.46 -8.04
CA THR A 82 -1.21 43.88 -8.05
C THR A 82 -0.34 44.64 -7.06
N GLU A 83 0.26 43.94 -6.11
CA GLU A 83 1.20 44.56 -5.18
C GLU A 83 2.15 43.48 -4.67
N ASP A 84 3.23 43.92 -4.02
CA ASP A 84 4.14 42.99 -3.35
C ASP A 84 3.38 42.24 -2.25
N GLY A 85 3.89 41.07 -1.91
CA GLY A 85 3.23 40.26 -0.90
C GLY A 85 3.86 38.89 -0.80
N GLY A 86 3.18 38.01 -0.06
CA GLY A 86 3.66 36.66 0.17
C GLY A 86 4.70 36.60 1.27
N SER A 87 5.22 35.40 1.49
CA SER A 87 6.20 35.18 2.55
C SER A 87 7.18 34.09 2.12
N ASN A 88 8.46 34.30 2.43
CA ASN A 88 9.53 33.29 2.26
C ASN A 88 9.70 33.00 0.77
N SER A 89 9.92 31.75 0.36
CA SER A 89 10.05 31.43 -1.07
C SER A 89 8.81 31.83 -1.86
N SER A 90 7.65 31.90 -1.21
CA SER A 90 6.42 32.28 -1.89
C SER A 90 6.29 33.78 -2.10
N SER A 91 7.28 34.57 -1.66
CA SER A 91 7.19 36.02 -1.81
CA SER A 91 7.18 36.02 -1.80
C SER A 91 7.16 36.42 -3.27
N TYR A 92 6.40 37.45 -3.60
CA TYR A 92 6.26 37.89 -4.98
C TYR A 92 6.32 39.41 -5.04
N GLU A 93 6.71 39.91 -6.20
CA GLU A 93 6.74 41.35 -6.43
C GLU A 93 5.54 41.75 -7.28
N LYS A 94 5.11 43.00 -7.12
CA LYS A 94 4.07 43.53 -7.99
C LYS A 94 4.46 43.33 -9.44
N GLY A 95 3.51 42.84 -10.24
CA GLY A 95 3.72 42.61 -11.65
C GLY A 95 4.17 41.21 -11.99
N GLU A 96 4.61 40.42 -11.02
CA GLU A 96 4.90 38.99 -11.28
C GLU A 96 3.63 38.20 -11.48
N LEU A 97 3.75 37.12 -12.25
CA LEU A 97 2.71 36.10 -12.29
C LEU A 97 3.34 34.85 -11.69
N GLN A 98 2.91 34.48 -10.49
CA GLN A 98 3.56 33.43 -9.75
C GLN A 98 3.02 32.06 -10.15
N TRP A 99 3.95 31.12 -10.40
CA TRP A 99 3.68 29.73 -10.80
C TRP A 99 3.32 29.64 -12.27
N THR A 100 3.44 28.45 -12.86
CA THR A 100 3.24 28.40 -14.30
C THR A 100 1.78 28.58 -14.69
N GLN A 101 1.57 29.20 -15.87
CA GLN A 101 0.29 29.20 -16.54
C GLN A 101 0.04 27.94 -17.36
N TYR A 102 1.01 27.02 -17.43
CA TYR A 102 0.94 25.85 -18.31
C TYR A 102 1.26 24.60 -17.50
N PRO A 103 0.35 24.17 -16.62
CA PRO A 103 0.66 23.07 -15.71
C PRO A 103 0.53 21.67 -16.30
N ASN A 104 -0.06 21.50 -17.47
CA ASN A 104 -0.35 20.16 -17.99
C ASN A 104 0.68 19.71 -19.01
N GLU A 105 1.96 19.93 -18.67
CA GLU A 105 3.05 19.48 -19.54
C GLU A 105 4.33 19.42 -18.72
N ALA A 106 5.34 18.79 -19.30
CA ALA A 106 6.68 18.72 -18.74
C ALA A 106 7.70 18.87 -19.85
N TRP A 107 8.78 19.57 -19.52
CA TRP A 107 9.91 19.69 -20.41
C TRP A 107 11.15 19.04 -19.82
N VAL A 108 12.08 18.69 -20.71
CA VAL A 108 13.43 18.25 -20.41
C VAL A 108 14.39 18.96 -21.36
N ALA A 109 15.49 19.48 -20.80
CA ALA A 109 16.58 20.02 -21.57
C ALA A 109 17.76 19.03 -21.56
N ILE A 110 18.30 18.75 -22.74
CA ILE A 110 19.44 17.85 -22.89
C ILE A 110 20.59 18.66 -23.40
N TYR A 111 21.68 18.68 -22.64
CA TYR A 111 22.87 19.46 -22.99
C TYR A 111 24.03 18.54 -23.33
N ASN A 112 24.79 18.92 -24.36
CA ASN A 112 25.84 17.99 -24.76
C ASN A 112 26.97 17.89 -23.74
N ASP A 113 27.22 18.95 -22.94
CA ASP A 113 28.28 18.90 -21.96
C ASP A 113 28.06 20.01 -20.93
N GLU A 114 29.04 20.18 -20.03
CA GLU A 114 28.87 21.10 -18.91
C GLU A 114 28.98 22.57 -19.31
N ASN A 115 29.21 22.89 -20.59
CA ASN A 115 29.18 24.29 -21.02
C ASN A 115 27.77 24.86 -21.09
N PHE A 116 26.75 24.01 -21.09
CA PHE A 116 25.33 24.38 -21.12
C PHE A 116 25.02 25.29 -22.31
N ASN A 117 25.36 24.80 -23.50
CA ASN A 117 25.07 25.51 -24.74
C ASN A 117 24.07 24.73 -25.57
N ASN A 118 23.16 25.45 -26.21
CA ASN A 118 22.27 24.93 -27.24
C ASN A 118 21.52 23.68 -26.79
N PRO A 119 20.62 23.81 -25.82
CA PRO A 119 19.91 22.63 -25.32
C PRO A 119 18.96 22.08 -26.36
N THR A 120 18.79 20.78 -26.31
CA THR A 120 17.70 20.11 -27.00
C THR A 120 16.52 20.12 -26.05
N LEU A 121 15.46 20.83 -26.40
CA LEU A 121 14.31 21.01 -25.51
C LEU A 121 13.17 20.14 -26.02
N ILE A 122 12.65 19.28 -25.16
CA ILE A 122 11.55 18.41 -25.55
C ILE A 122 10.43 18.47 -24.52
N ARG A 123 9.20 18.27 -24.99
CA ARG A 123 7.98 18.49 -24.21
C ARG A 123 7.09 17.26 -24.31
N THR A 124 6.45 16.92 -23.20
CA THR A 124 5.41 15.91 -23.19
C THR A 124 4.14 16.53 -22.58
N ASP A 125 2.96 16.11 -23.07
CA ASP A 125 1.70 16.47 -22.44
C ASP A 125 1.12 15.39 -21.53
N LYS A 126 1.91 14.34 -21.23
CA LYS A 126 1.41 13.21 -20.47
C LYS A 126 1.57 13.37 -18.96
N ILE A 127 2.48 14.25 -18.53
CA ILE A 127 2.74 14.49 -17.11
C ILE A 127 2.85 16.00 -16.91
N SER A 128 2.71 16.41 -15.66
CA SER A 128 3.04 17.78 -15.26
C SER A 128 4.54 17.89 -15.02
N TYR A 129 5.02 19.03 -14.46
CA TYR A 129 6.46 19.23 -14.50
C TYR A 129 7.20 18.29 -13.53
N ALA A 130 8.43 17.96 -13.92
CA ALA A 130 9.17 16.88 -13.28
C ALA A 130 10.10 17.42 -12.18
N CYS A 131 9.52 17.71 -11.03
CA CYS A 131 10.28 17.90 -9.80
C CYS A 131 9.36 17.63 -8.63
N GLY A 132 9.95 17.36 -7.46
CA GLY A 132 9.16 17.45 -6.25
C GLY A 132 9.37 18.81 -5.58
N ARG A 133 8.44 19.17 -4.68
CA ARG A 133 8.52 20.44 -3.95
C ARG A 133 8.21 20.27 -2.47
N MET A 134 8.90 21.08 -1.67
CA MET A 134 8.62 21.17 -0.25
C MET A 134 9.09 22.54 0.18
N ARG A 135 8.15 23.43 0.53
CA ARG A 135 8.50 24.82 0.82
C ARG A 135 9.42 25.37 -0.27
N SER A 136 10.63 25.83 0.07
CA SER A 136 11.51 26.44 -0.93
C SER A 136 12.33 25.42 -1.70
N GLN A 137 12.18 24.11 -1.42
CA GLN A 137 13.03 23.09 -2.01
C GLN A 137 12.47 22.54 -3.31
N TYR A 138 13.38 22.24 -4.25
CA TYR A 138 13.09 21.53 -5.50
C TYR A 138 13.83 20.20 -5.45
N TYR A 139 13.10 19.09 -5.61
CA TYR A 139 13.71 17.77 -5.56
C TYR A 139 13.77 17.15 -6.95
N GLN A 140 14.94 16.64 -7.32
CA GLN A 140 15.14 15.99 -8.60
C GLN A 140 14.25 14.76 -8.77
N THR A 141 13.56 14.66 -9.91
CA THR A 141 12.70 13.50 -10.17
C THR A 141 12.91 13.01 -11.60
N ILE A 142 14.09 13.28 -12.18
CA ILE A 142 14.52 12.75 -13.48
C ILE A 142 15.78 11.91 -13.21
N TRP A 143 15.77 10.62 -13.61
CA TRP A 143 16.83 9.71 -13.26
C TRP A 143 17.05 8.71 -14.39
N ALA A 144 18.25 8.16 -14.47
CA ALA A 144 18.55 7.20 -15.52
C ALA A 144 18.57 5.78 -14.97
N ALA A 145 17.99 4.84 -15.72
CA ALA A 145 18.27 3.43 -15.53
C ALA A 145 19.73 3.11 -15.91
N ASP A 146 20.21 1.93 -15.50
CA ASP A 146 21.61 1.58 -15.76
C ASP A 146 21.92 1.53 -17.25
N ASN A 147 20.91 1.25 -18.09
CA ASN A 147 21.11 1.23 -19.54
C ASN A 147 21.10 2.61 -20.20
N GLY A 148 20.97 3.70 -19.44
CA GLY A 148 20.98 5.01 -20.02
C GLY A 148 19.60 5.59 -20.32
N ASP A 149 18.55 4.77 -20.32
CA ASP A 149 17.19 5.28 -20.46
C ASP A 149 16.91 6.26 -19.33
N VAL A 150 16.37 7.42 -19.67
CA VAL A 150 16.07 8.45 -18.69
C VAL A 150 14.57 8.44 -18.40
N TYR A 151 14.24 8.26 -17.12
CA TYR A 151 12.86 8.23 -16.67
C TYR A 151 12.54 9.57 -16.02
N VAL A 152 11.42 10.15 -16.44
CA VAL A 152 11.03 11.51 -16.09
C VAL A 152 9.75 11.40 -15.28
N PHE A 153 9.87 11.54 -13.95
CA PHE A 153 8.75 11.39 -13.03
C PHE A 153 8.14 12.72 -12.65
N SER A 154 6.80 12.77 -12.52
CA SER A 154 6.18 13.98 -11.97
C SER A 154 5.22 13.61 -10.86
N PRO A 155 5.35 14.21 -9.67
CA PRO A 155 4.32 14.04 -8.63
C PRO A 155 3.08 14.87 -8.81
N SER A 156 2.99 15.68 -9.85
CA SER A 156 1.84 16.57 -10.04
C SER A 156 1.65 17.49 -8.83
N TYR A 157 2.76 18.09 -8.38
CA TYR A 157 2.68 19.07 -7.30
C TYR A 157 1.71 20.20 -7.62
N ALA A 158 1.60 20.56 -8.89
CA ALA A 158 0.73 21.66 -9.26
C ALA A 158 -0.74 21.39 -8.95
N LYS A 159 -1.13 20.15 -8.60
CA LYS A 159 -2.53 19.96 -8.25
C LYS A 159 -2.95 20.80 -7.04
N ILE A 160 -2.00 21.24 -6.19
CA ILE A 160 -2.36 21.98 -4.98
C ILE A 160 -2.37 23.50 -5.19
N MET A 161 -2.23 23.97 -6.41
CA MET A 161 -2.25 25.43 -6.67
C MET A 161 -3.64 26.00 -6.37
N ASP A 162 -3.68 27.32 -6.09
CA ASP A 162 -4.93 27.95 -5.68
C ASP A 162 -5.90 28.07 -6.84
N ALA A 163 -5.42 28.56 -7.99
CA ALA A 163 -6.24 28.86 -9.17
C ALA A 163 -6.43 27.64 -10.04
N ASP A 164 -7.67 27.40 -10.46
CA ASP A 164 -7.97 26.24 -11.31
C ASP A 164 -7.02 26.16 -12.51
N VAL A 165 -6.79 27.29 -13.19
CA VAL A 165 -6.01 27.25 -14.42
C VAL A 165 -4.54 26.93 -14.15
N GLN A 166 -4.08 27.05 -12.91
CA GLN A 166 -2.70 26.68 -12.58
C GLN A 166 -2.59 25.30 -11.95
N LYS A 167 -3.71 24.65 -11.63
CA LYS A 167 -3.65 23.26 -11.23
C LYS A 167 -3.37 22.38 -12.44
N THR A 168 -2.63 21.29 -12.24
CA THR A 168 -2.59 20.26 -13.27
C THR A 168 -3.79 19.34 -13.05
N ASN A 169 -4.35 18.82 -14.15
CA ASN A 169 -5.36 17.78 -14.08
C ASN A 169 -4.80 16.39 -14.40
N LEU A 170 -3.47 16.29 -14.53
CA LEU A 170 -2.78 15.03 -14.81
C LEU A 170 -2.41 14.31 -13.50
N PRO A 171 -2.55 12.99 -13.43
CA PRO A 171 -2.09 12.23 -12.26
C PRO A 171 -0.57 12.15 -12.25
N ALA A 172 -0.02 11.90 -11.07
CA ALA A 172 1.42 11.62 -10.98
C ALA A 172 1.78 10.49 -11.95
N GLY A 173 2.89 10.61 -12.67
CA GLY A 173 3.20 9.60 -13.67
C GLY A 173 4.63 9.73 -14.15
N VAL A 174 4.98 8.90 -15.14
CA VAL A 174 6.36 8.73 -15.60
C VAL A 174 6.35 8.58 -17.12
N VAL A 175 7.33 9.21 -17.78
CA VAL A 175 7.61 9.00 -19.21
C VAL A 175 9.09 8.68 -19.36
N ARG A 176 9.53 8.46 -20.60
CA ARG A 176 10.86 7.91 -20.86
C ARG A 176 11.53 8.52 -22.09
N ILE A 177 12.84 8.70 -22.01
CA ILE A 177 13.69 9.07 -23.13
C ILE A 177 14.69 7.95 -23.25
N LYS A 178 14.60 7.16 -24.32
CA LYS A 178 15.54 6.07 -24.50
C LYS A 178 16.96 6.61 -24.62
N ALA A 179 17.93 5.80 -24.18
CA ALA A 179 19.32 6.22 -24.27
C ALA A 179 19.65 6.63 -25.70
N GLY A 180 20.25 7.82 -25.85
CA GLY A 180 20.65 8.31 -27.16
C GLY A 180 19.56 8.94 -27.98
N ALA A 181 18.30 8.76 -27.61
CA ALA A 181 17.20 9.38 -28.31
C ALA A 181 17.17 10.88 -28.01
N THR A 182 16.43 11.61 -28.83
CA THR A 182 16.30 13.05 -28.63
C THR A 182 14.84 13.46 -28.41
N ASP A 183 13.97 12.53 -28.09
CA ASP A 183 12.59 12.86 -27.81
C ASP A 183 12.04 11.71 -26.96
N PHE A 184 10.87 11.93 -26.38
CA PHE A 184 10.23 10.89 -25.57
C PHE A 184 9.76 9.77 -26.48
N ASP A 185 9.67 8.55 -25.92
CA ASP A 185 9.12 7.44 -26.68
C ASP A 185 7.64 7.31 -26.31
N SER A 186 7.03 6.14 -26.48
CA SER A 186 5.61 6.01 -26.18
C SER A 186 5.32 5.53 -24.77
N TYR A 187 6.34 5.32 -23.96
CA TYR A 187 6.16 4.85 -22.59
C TYR A 187 5.35 5.84 -21.74
N TYR A 188 4.47 5.30 -20.91
CA TYR A 188 3.75 6.12 -19.94
C TYR A 188 3.23 5.24 -18.83
N CYS A 189 3.46 5.64 -17.58
CA CYS A 189 2.89 4.95 -16.43
C CYS A 189 2.18 5.95 -15.54
N ASN A 190 0.88 5.73 -15.31
CA ASN A 190 0.08 6.46 -14.32
C ASN A 190 0.35 5.87 -12.94
N LEU A 191 1.12 6.58 -12.12
CA LEU A 191 1.50 6.05 -10.83
C LEU A 191 0.33 6.04 -9.83
N GLU A 192 -0.61 6.98 -9.91
CA GLU A 192 -1.71 7.01 -8.96
C GLU A 192 -2.61 5.78 -9.09
N GLU A 193 -2.79 5.27 -10.30
CA GLU A 193 -3.56 4.04 -10.46
C GLU A 193 -2.91 2.87 -9.74
N LEU A 194 -1.57 2.87 -9.66
CA LEU A 194 -0.83 1.78 -9.05
C LEU A 194 -0.65 1.96 -7.55
N SER A 195 -0.71 3.18 -7.05
CA SER A 195 -0.33 3.46 -5.67
C SER A 195 -1.53 3.55 -4.75
N GLY A 196 -2.73 3.50 -5.31
CA GLY A 196 -3.91 3.80 -4.52
C GLY A 196 -4.24 5.27 -4.41
N GLY A 197 -3.98 6.03 -5.47
CA GLY A 197 -4.37 7.42 -5.47
C GLY A 197 -3.35 8.34 -4.85
N LYS A 198 -2.14 7.86 -4.59
CA LYS A 198 -1.16 8.63 -3.83
C LYS A 198 -0.05 9.13 -4.75
N SER A 199 0.47 10.33 -4.46
CA SER A 199 1.68 10.78 -5.13
C SER A 199 2.90 10.65 -4.21
N PHE A 200 3.99 11.36 -4.53
CA PHE A 200 5.26 11.16 -3.87
C PHE A 200 5.95 12.51 -3.68
N LEU A 201 6.82 12.56 -2.67
CA LEU A 201 7.55 13.80 -2.40
C LEU A 201 8.74 13.95 -3.33
N ARG A 202 9.46 12.86 -3.53
CA ARG A 202 10.70 12.82 -4.32
CA ARG A 202 10.68 12.83 -4.36
C ARG A 202 11.01 11.37 -4.64
N CYS A 203 12.06 11.15 -5.42
CA CYS A 203 12.40 9.78 -5.82
C CYS A 203 13.87 9.76 -6.23
N TRP A 204 14.39 8.54 -6.37
CA TRP A 204 15.80 8.30 -6.69
C TRP A 204 15.90 7.02 -7.50
N HIS A 205 17.07 6.80 -8.12
CA HIS A 205 17.36 5.52 -8.76
C HIS A 205 17.99 4.57 -7.77
N ILE A 206 17.64 3.27 -7.88
CA ILE A 206 18.32 2.24 -7.06
C ILE A 206 19.37 1.49 -7.87
N THR A 207 18.93 0.75 -8.87
CA THR A 207 19.77 -0.13 -9.69
C THR A 207 18.89 -0.60 -10.83
N GLY A 208 19.53 -0.94 -11.97
CA GLY A 208 18.79 -1.39 -13.14
C GLY A 208 17.68 -0.43 -13.51
N ASP A 209 16.44 -0.93 -13.60
CA ASP A 209 15.26 -0.11 -13.86
C ASP A 209 14.38 0.07 -12.62
N TYR A 210 14.98 -0.03 -11.43
CA TYR A 210 14.26 0.14 -10.16
C TYR A 210 14.53 1.52 -9.58
N PHE A 211 13.46 2.16 -9.12
CA PHE A 211 13.52 3.51 -8.56
C PHE A 211 12.81 3.48 -7.21
N LEU A 212 13.25 4.33 -6.30
CA LEU A 212 12.70 4.45 -4.95
C LEU A 212 11.87 5.73 -4.90
N LEU A 213 10.61 5.61 -4.49
CA LEU A 213 9.72 6.76 -4.36
C LEU A 213 9.38 6.96 -2.89
N GLN A 214 9.56 8.18 -2.39
CA GLN A 214 9.09 8.49 -1.05
C GLN A 214 7.64 8.91 -1.16
N MET A 215 6.73 8.01 -0.75
CA MET A 215 5.30 8.15 -1.01
C MET A 215 4.57 8.91 0.10
N TYR A 216 3.52 9.61 -0.30
CA TYR A 216 2.59 10.25 0.62
C TYR A 216 1.54 9.26 1.13
N THR A 217 1.18 9.39 2.41
CA THR A 217 0.01 8.63 2.91
C THR A 217 -1.31 9.35 2.67
N GLY A 218 -1.28 10.68 2.51
CA GLY A 218 -2.46 11.46 2.23
C GLY A 218 -2.24 12.32 0.99
N GLU A 219 -2.81 13.51 0.96
CA GLU A 219 -2.66 14.38 -0.19
C GLU A 219 -1.28 15.04 -0.21
N ILE A 220 -0.80 15.29 -1.43
CA ILE A 220 0.43 16.07 -1.62
C ILE A 220 0.21 17.47 -1.04
N ASN A 221 1.27 18.04 -0.47
CA ASN A 221 1.11 19.33 0.19
C ASN A 221 2.45 20.03 0.26
N SER A 222 2.42 21.36 0.53
CA SER A 222 3.66 22.10 0.41
C SER A 222 4.62 21.85 1.58
N ARG A 223 4.15 21.27 2.68
CA ARG A 223 5.02 21.04 3.83
C ARG A 223 5.63 19.64 3.89
N GLY A 224 5.34 18.77 2.91
CA GLY A 224 5.86 17.41 2.96
C GLY A 224 5.18 16.51 3.99
N THR A 225 4.05 16.93 4.54
CA THR A 225 3.41 16.20 5.62
C THR A 225 2.97 14.83 5.12
N GLY A 226 3.27 13.79 5.90
CA GLY A 226 2.73 12.51 5.53
C GLY A 226 3.54 11.77 4.47
N ALA A 227 4.73 12.26 4.13
CA ALA A 227 5.61 11.55 3.17
C ALA A 227 6.43 10.51 3.95
N THR A 228 5.73 9.47 4.43
CA THR A 228 6.26 8.57 5.43
C THR A 228 6.30 7.13 4.97
N ARG A 229 6.11 6.87 3.68
CA ARG A 229 6.23 5.51 3.17
C ARG A 229 7.25 5.51 2.03
N MET A 230 7.72 4.33 1.69
CA MET A 230 8.57 4.15 0.54
C MET A 230 7.95 3.10 -0.37
N ALA A 231 8.17 3.26 -1.66
CA ALA A 231 7.75 2.26 -2.64
C ALA A 231 8.85 2.08 -3.68
N VAL A 232 8.92 0.88 -4.27
CA VAL A 232 9.88 0.54 -5.31
C VAL A 232 9.14 0.47 -6.64
N PHE A 233 9.60 1.23 -7.63
CA PHE A 233 9.02 1.25 -8.96
C PHE A 233 9.95 0.55 -9.94
N LYS A 234 9.46 -0.50 -10.62
CA LYS A 234 10.23 -1.16 -11.65
C LYS A 234 9.67 -0.69 -12.98
N ALA A 235 10.45 0.16 -13.68
CA ALA A 235 9.92 0.89 -14.82
C ALA A 235 9.46 -0.03 -15.94
N THR A 236 10.21 -1.10 -16.25
CA THR A 236 9.81 -1.99 -17.35
C THR A 236 8.99 -3.17 -16.89
N GLY A 237 8.59 -3.21 -15.62
CA GLY A 237 7.80 -4.34 -15.15
C GLY A 237 6.41 -4.37 -15.77
N ASN A 238 5.73 -5.53 -15.61
CA ASN A 238 4.41 -5.75 -16.18
C ASN A 238 4.36 -5.42 -17.68
N GLY A 239 5.35 -5.92 -18.41
CA GLY A 239 5.27 -5.82 -19.85
C GLY A 239 5.46 -4.37 -20.31
N ASP A 240 6.38 -3.68 -19.62
CA ASP A 240 6.76 -2.29 -19.93
C ASP A 240 5.66 -1.30 -19.59
N LYS A 241 4.82 -1.64 -18.63
CA LYS A 241 3.78 -0.74 -18.13
C LYS A 241 4.14 -0.09 -16.78
N GLY A 242 5.16 -0.61 -16.12
CA GLY A 242 5.56 -0.10 -14.81
C GLY A 242 4.92 -0.94 -13.70
N GLU A 243 5.61 -1.13 -12.60
CA GLU A 243 5.11 -1.88 -11.46
C GLU A 243 5.54 -1.17 -10.19
N LEU A 244 4.61 -1.03 -9.25
CA LEU A 244 4.88 -0.30 -8.01
C LEU A 244 4.54 -1.17 -6.82
N TYR A 245 5.51 -1.34 -5.92
CA TYR A 245 5.31 -2.10 -4.69
C TYR A 245 5.70 -1.26 -3.49
N TYR A 246 4.78 -1.09 -2.52
CA TYR A 246 5.18 -0.48 -1.24
C TYR A 246 6.21 -1.35 -0.53
N VAL A 247 7.17 -0.70 0.15
CA VAL A 247 8.23 -1.39 0.87
C VAL A 247 7.68 -1.87 2.20
N ASP A 248 8.05 -3.09 2.56
CA ASP A 248 7.72 -3.72 3.83
C ASP A 248 8.94 -3.71 4.72
N GLY A 249 8.70 -3.51 6.02
CA GLY A 249 9.77 -3.61 7.00
C GLY A 249 10.34 -2.31 7.51
N LEU A 250 9.86 -1.20 7.00
CA LEU A 250 10.22 0.08 7.58
C LEU A 250 9.39 0.31 8.84
N PRO A 251 9.74 1.29 9.66
CA PRO A 251 8.85 1.60 10.79
C PRO A 251 7.47 1.96 10.28
N GLU A 252 6.48 1.87 11.16
CA GLU A 252 5.14 2.31 10.82
C GLU A 252 5.15 3.78 10.42
N PRO A 253 4.31 4.19 9.46
CA PRO A 253 4.34 5.59 9.02
C PRO A 253 4.19 6.58 10.15
N ASP A 254 3.34 6.26 11.15
CA ASP A 254 3.10 7.18 12.24
C ASP A 254 4.26 7.26 13.21
N ARG A 255 5.33 6.51 12.97
CA ARG A 255 6.53 6.57 13.78
C ARG A 255 7.69 7.24 13.05
N ILE A 256 7.50 7.65 11.81
CA ILE A 256 8.59 8.19 11.03
C ILE A 256 8.50 9.72 11.03
N SER A 257 9.55 10.36 11.52
CA SER A 257 9.58 11.83 11.42
C SER A 257 10.03 12.29 10.03
N SER A 258 11.08 11.70 9.50
CA SER A 258 11.57 12.06 8.18
C SER A 258 12.46 10.92 7.70
N PHE A 259 12.78 10.96 6.41
CA PHE A 259 13.86 10.18 5.82
C PHE A 259 14.99 11.15 5.44
N SER A 260 16.23 10.64 5.41
CA SER A 260 17.28 11.53 4.94
C SER A 260 17.09 11.77 3.43
N GLY A 261 17.76 12.82 2.93
CA GLY A 261 17.46 13.29 1.58
C GLY A 261 18.07 12.50 0.43
N THR A 262 19.16 11.77 0.67
CA THR A 262 19.88 11.13 -0.42
C THR A 262 20.27 9.70 -0.03
N PRO A 263 19.56 8.71 -0.54
CA PRO A 263 19.96 7.32 -0.29
C PRO A 263 21.34 7.02 -0.85
N PHE A 264 21.99 6.01 -0.27
CA PHE A 264 23.26 5.52 -0.77
C PHE A 264 23.00 4.13 -1.35
N CYS A 265 23.38 3.93 -2.60
CA CYS A 265 23.08 2.70 -3.34
C CYS A 265 24.37 1.96 -3.67
N GLU A 266 24.45 0.68 -3.28
CA GLU A 266 25.58 -0.16 -3.69
C GLU A 266 25.10 -1.59 -3.60
N ASN A 267 25.82 -2.50 -4.29
CA ASN A 267 25.51 -3.93 -4.24
C ASN A 267 24.04 -4.23 -4.57
N GLY A 268 23.42 -3.37 -5.40
CA GLY A 268 22.06 -3.62 -5.84
C GLY A 268 20.97 -3.21 -4.89
N VAL A 269 21.30 -2.60 -3.75
CA VAL A 269 20.30 -2.21 -2.75
C VAL A 269 20.45 -0.70 -2.47
N ALA A 270 19.49 -0.17 -1.71
CA ALA A 270 19.46 1.25 -1.31
C ALA A 270 19.55 1.34 0.20
N TYR A 271 20.43 2.20 0.71
CA TYR A 271 20.55 2.45 2.14
C TYR A 271 19.95 3.82 2.41
N VAL A 272 18.94 3.86 3.28
CA VAL A 272 18.14 5.05 3.55
C VAL A 272 18.20 5.39 5.03
N GLY A 273 18.38 6.68 5.33
CA GLY A 273 18.30 7.13 6.71
C GLY A 273 16.87 7.33 7.12
N VAL A 274 16.51 6.79 8.28
CA VAL A 274 15.17 6.87 8.83
C VAL A 274 15.24 7.56 10.17
N ILE A 275 14.52 8.67 10.34
CA ILE A 275 14.55 9.42 11.58
C ILE A 275 13.21 9.21 12.28
N PRO A 276 13.16 8.51 13.41
CA PRO A 276 11.87 8.27 14.07
C PRO A 276 11.38 9.47 14.85
N ILE A 277 10.06 9.49 15.07
CA ILE A 277 9.47 10.48 15.96
C ILE A 277 9.96 10.24 17.38
N THR A 278 10.30 11.32 18.08
CA THR A 278 10.66 11.24 19.48
C THR A 278 9.52 11.72 20.37
N THR A 283 13.76 7.02 24.10
CA THR A 283 14.95 6.74 23.31
C THR A 283 14.64 6.06 21.96
N ASN A 284 14.77 6.83 20.88
CA ASN A 284 14.51 6.35 19.53
C ASN A 284 15.48 7.05 18.58
N HIS A 285 16.52 6.35 18.20
CA HIS A 285 17.58 6.92 17.38
C HIS A 285 17.33 6.70 15.88
N PRO A 286 17.79 7.65 15.07
CA PRO A 286 17.94 7.42 13.63
C PRO A 286 18.66 6.11 13.35
N ALA A 287 18.28 5.46 12.25
CA ALA A 287 18.99 4.27 11.79
C ALA A 287 18.95 4.20 10.28
N ILE A 288 19.91 3.46 9.71
CA ILE A 288 20.04 3.24 8.27
C ILE A 288 19.39 1.90 7.94
N TYR A 289 18.43 1.94 7.04
CA TYR A 289 17.70 0.75 6.61
C TYR A 289 18.14 0.39 5.20
N LYS A 290 18.32 -0.91 4.96
CA LYS A 290 18.65 -1.46 3.66
C LYS A 290 17.36 -1.84 2.94
N ILE A 291 17.15 -1.30 1.74
CA ILE A 291 15.99 -1.68 0.94
C ILE A 291 16.45 -2.51 -0.27
N ASP A 292 15.92 -3.74 -0.37
CA ASP A 292 16.23 -4.63 -1.49
C ASP A 292 15.13 -4.43 -2.52
N PRO A 293 15.42 -3.84 -3.70
CA PRO A 293 14.34 -3.59 -4.66
C PRO A 293 13.68 -4.85 -5.20
N VAL A 294 14.42 -5.95 -5.29
CA VAL A 294 13.84 -7.17 -5.88
C VAL A 294 12.69 -7.70 -5.04
N THR A 295 12.81 -7.61 -3.70
CA THR A 295 11.78 -8.09 -2.81
C THR A 295 11.00 -6.99 -2.13
N HIS A 296 11.29 -5.72 -2.46
CA HIS A 296 10.74 -4.53 -1.80
C HIS A 296 10.65 -4.70 -0.26
N THR A 297 11.77 -5.14 0.32
CA THR A 297 11.90 -5.40 1.76
CA THR A 297 11.84 -5.34 1.76
C THR A 297 13.00 -4.55 2.36
N ALA A 298 12.71 -3.96 3.51
CA ALA A 298 13.65 -3.15 4.28
C ALA A 298 14.08 -3.91 5.54
N THR A 299 15.36 -3.75 5.92
CA THR A 299 15.88 -4.26 7.19
C THR A 299 16.68 -3.18 7.91
N LYS A 300 16.57 -3.16 9.24
CA LYS A 300 17.25 -2.17 10.06
C LYS A 300 18.73 -2.49 10.19
N GLY A 301 19.58 -1.49 9.94
CA GLY A 301 21.01 -1.67 10.01
C GLY A 301 21.63 -0.79 11.08
N LEU A 302 22.65 -0.03 10.68
CA LEU A 302 23.41 0.82 11.59
C LEU A 302 22.52 1.84 12.32
N THR A 303 22.68 1.94 13.64
CA THR A 303 22.04 3.00 14.40
C THR A 303 22.97 4.20 14.54
N VAL A 304 22.41 5.41 14.40
CA VAL A 304 23.17 6.66 14.47
C VAL A 304 22.75 7.40 15.72
N ASN A 305 23.67 7.53 16.69
CA ASN A 305 23.34 8.17 17.97
C ASN A 305 23.47 9.69 17.83
N ALA A 306 22.49 10.28 17.17
CA ALA A 306 22.50 11.74 16.88
C ALA A 306 21.08 12.17 16.50
N THR A 307 20.92 13.42 16.07
CA THR A 307 19.58 13.91 15.74
C THR A 307 19.10 13.45 14.38
N GLY A 308 19.98 13.53 13.37
CA GLY A 308 19.57 13.25 12.02
C GLY A 308 20.74 12.73 11.22
N ILE A 309 20.47 12.44 9.95
CA ILE A 309 21.45 11.89 9.02
C ILE A 309 21.44 12.78 7.78
N THR A 310 22.60 13.35 7.43
CA THR A 310 22.63 14.29 6.31
C THR A 310 23.45 13.81 5.11
N ALA A 311 24.09 12.63 5.18
CA ALA A 311 24.82 12.07 4.04
C ALA A 311 25.21 10.65 4.38
N ILE A 312 25.19 9.78 3.37
CA ILE A 312 25.73 8.42 3.50
C ILE A 312 26.58 8.13 2.28
N GLY A 313 27.79 7.67 2.49
CA GLY A 313 28.60 7.33 1.33
C GLY A 313 29.88 6.63 1.75
N ARG A 314 30.83 6.59 0.82
CA ARG A 314 32.15 6.01 1.09
C ARG A 314 33.28 6.96 0.70
N LEU A 315 34.39 6.91 1.47
CA LEU A 315 35.64 7.56 1.12
C LEU A 315 36.78 6.55 1.13
N ALA A 316 37.71 6.70 0.19
CA ALA A 316 38.80 5.74 0.01
C ALA A 316 40.09 6.48 -0.33
N LYS A 317 41.22 5.89 0.06
CA LYS A 317 42.53 6.48 -0.26
C LYS A 317 43.56 5.37 -0.12
N ASP A 318 44.18 4.97 -1.24
CA ASP A 318 45.21 3.93 -1.27
C ASP A 318 44.58 2.64 -0.76
N SER A 319 45.09 2.05 0.32
CA SER A 319 44.54 0.79 0.81
C SER A 319 43.48 0.98 1.88
N HIS A 320 43.15 2.22 2.23
CA HIS A 320 42.14 2.50 3.25
C HIS A 320 40.80 2.82 2.59
N SER A 321 39.72 2.36 3.22
CA SER A 321 38.39 2.78 2.80
C SER A 321 37.44 2.63 3.97
N THR A 322 36.36 3.41 3.96
CA THR A 322 35.39 3.38 5.04
C THR A 322 34.07 3.92 4.52
N TYR A 323 32.98 3.55 5.18
CA TYR A 323 31.76 4.32 5.03
C TYR A 323 31.84 5.59 5.85
N VAL A 324 31.13 6.62 5.39
CA VAL A 324 31.04 7.90 6.08
C VAL A 324 29.56 8.23 6.21
N VAL A 325 29.12 8.47 7.44
CA VAL A 325 27.77 8.95 7.73
C VAL A 325 27.89 10.35 8.31
N SER A 326 27.25 11.32 7.65
CA SER A 326 27.20 12.68 8.15
C SER A 326 25.96 12.79 9.03
N ALA A 327 26.14 13.24 10.26
CA ALA A 327 25.08 13.21 11.25
C ALA A 327 24.95 14.57 11.89
N THR A 328 23.71 15.02 12.08
CA THR A 328 23.46 16.29 12.74
C THR A 328 23.22 16.08 14.22
N VAL A 329 23.66 17.04 15.03
CA VAL A 329 23.42 17.04 16.47
C VAL A 329 22.79 18.39 16.78
N THR A 330 21.47 18.40 17.00
CA THR A 330 20.73 19.65 17.20
C THR A 330 20.32 19.78 18.66
N SER A 331 20.63 20.92 19.26
CA SER A 331 20.31 21.24 20.64
CA SER A 331 20.25 21.18 20.64
C SER A 331 19.31 22.39 20.69
N ALA A 332 18.89 22.72 21.90
CA ALA A 332 17.99 23.86 22.06
C ALA A 332 18.57 25.13 21.47
N ASN A 333 19.91 25.27 21.48
CA ASN A 333 20.58 26.52 21.18
C ASN A 333 21.60 26.42 20.06
N SER A 334 21.69 25.31 19.34
CA SER A 334 22.80 25.17 18.41
C SER A 334 22.53 24.03 17.46
N THR A 335 23.28 24.03 16.37
CA THR A 335 23.32 22.98 15.38
C THR A 335 24.77 22.53 15.23
N ALA A 336 24.98 21.23 15.11
CA ALA A 336 26.31 20.71 14.83
C ALA A 336 26.18 19.62 13.79
N ASN A 337 27.29 19.31 13.13
CA ASN A 337 27.35 18.20 12.19
C ASN A 337 28.64 17.43 12.41
N TYR A 338 28.58 16.09 12.40
CA TYR A 338 29.75 15.25 12.55
C TYR A 338 29.84 14.29 11.39
N LEU A 339 31.03 14.15 10.82
CA LEU A 339 31.30 13.08 9.88
C LEU A 339 31.81 11.87 10.65
N LEU A 340 31.12 10.74 10.52
CA LEU A 340 31.35 9.55 11.35
C LEU A 340 31.76 8.39 10.46
N ALA A 341 32.96 7.84 10.69
CA ALA A 341 33.42 6.69 9.94
C ALA A 341 32.91 5.39 10.56
N THR A 342 32.56 4.44 9.71
CA THR A 342 32.10 3.13 10.16
C THR A 342 32.47 2.09 9.11
N SER A 343 32.79 0.90 9.56
CA SER A 343 33.10 -0.16 8.62
C SER A 343 31.86 -0.85 8.03
N THR A 344 30.66 -0.57 8.53
CA THR A 344 29.46 -1.25 8.07
C THR A 344 28.22 -0.38 8.22
N LEU A 345 27.26 -0.58 7.32
CA LEU A 345 25.97 0.07 7.42
C LEU A 345 24.89 -0.88 7.91
N GLU A 346 25.26 -2.12 8.26
CA GLU A 346 24.25 -3.12 8.50
C GLU A 346 24.09 -3.54 9.94
N SER A 347 24.95 -3.07 10.86
CA SER A 347 24.79 -3.44 12.26
C SER A 347 25.53 -2.42 13.12
N GLY A 348 25.28 -2.50 14.43
CA GLY A 348 26.01 -1.71 15.39
C GLY A 348 25.52 -0.27 15.39
N SER A 349 26.39 0.61 15.88
CA SER A 349 26.02 2.01 16.09
C SER A 349 27.23 2.91 15.85
N VAL A 350 26.96 4.19 15.59
CA VAL A 350 27.99 5.22 15.59
C VAL A 350 27.54 6.35 16.49
N THR A 351 28.52 6.99 17.15
CA THR A 351 28.27 8.04 18.18
C THR A 351 29.35 9.10 18.02
N PRO A 352 28.99 10.39 17.86
CA PRO A 352 30.02 11.43 17.96
C PRO A 352 30.75 11.28 19.28
N GLY A 353 32.06 11.46 19.25
CA GLY A 353 32.80 11.49 20.49
C GLY A 353 33.99 10.57 20.52
N ASN A 354 34.52 10.23 19.35
CA ASN A 354 35.72 9.41 19.24
C ASN A 354 36.57 9.94 18.09
N ASN A 355 37.74 9.30 17.88
CA ASN A 355 38.66 9.72 16.83
C ASN A 355 38.09 9.47 15.44
N ASN A 356 37.12 8.55 15.29
CA ASN A 356 36.46 8.30 14.01
C ASN A 356 35.30 9.26 13.76
N GLY A 357 35.43 10.49 14.25
CA GLY A 357 34.46 11.54 14.00
C GLY A 357 35.13 12.88 13.78
N PHE A 358 34.55 13.71 12.92
CA PHE A 358 35.16 14.96 12.50
C PHE A 358 34.04 16.00 12.41
N GLU A 359 34.15 17.07 13.18
CA GLU A 359 33.06 18.02 13.27
C GLU A 359 33.14 19.04 12.13
N THR A 360 32.00 19.34 11.53
CA THR A 360 31.86 20.38 10.52
C THR A 360 30.71 21.29 10.91
N ALA A 361 30.67 22.47 10.27
CA ALA A 361 29.44 23.23 10.30
C ALA A 361 28.36 22.43 9.56
N THR A 362 27.10 22.71 9.85
CA THR A 362 26.07 22.15 8.99
C THR A 362 26.26 22.68 7.56
N GLY A 363 25.78 21.90 6.60
CA GLY A 363 25.77 22.33 5.20
C GLY A 363 24.36 22.28 4.63
N THR A 364 24.12 23.15 3.63
CA THR A 364 22.85 23.13 2.90
C THR A 364 22.62 21.78 2.22
N ALA A 365 23.65 21.22 1.59
CA ALA A 365 23.54 19.93 0.90
C ALA A 365 24.89 19.24 0.96
N TRP A 366 24.87 17.93 0.79
CA TRP A 366 26.09 17.12 0.76
C TRP A 366 26.10 16.25 -0.48
N ILE A 367 27.28 16.06 -1.07
CA ILE A 367 27.33 15.13 -2.19
C ILE A 367 28.70 14.47 -2.23
N PHE A 368 28.70 13.14 -2.43
CA PHE A 368 29.93 12.39 -2.60
C PHE A 368 30.31 12.40 -4.07
N TYR A 369 31.60 12.61 -4.35
CA TYR A 369 32.13 12.42 -5.70
C TYR A 369 32.81 11.07 -5.66
N LYS A 370 32.21 10.08 -6.35
CA LYS A 370 32.63 8.69 -6.32
C LYS A 370 32.88 8.28 -4.86
N ASP A 371 34.01 7.65 -4.55
CA ASP A 371 34.43 7.44 -3.16
C ASP A 371 35.69 8.23 -2.85
N GLN A 372 35.88 9.35 -3.54
CA GLN A 372 37.08 10.17 -3.42
C GLN A 372 36.90 11.40 -2.54
N TYR A 373 35.80 12.17 -2.74
CA TYR A 373 35.58 13.37 -1.97
C TYR A 373 34.15 13.43 -1.47
N LEU A 374 33.96 14.14 -0.37
CA LEU A 374 32.65 14.50 0.14
C LEU A 374 32.59 16.02 0.17
N TYR A 375 31.63 16.59 -0.56
CA TYR A 375 31.49 18.04 -0.63
C TYR A 375 30.35 18.51 0.24
N ARG A 376 30.61 19.53 1.06
CA ARG A 376 29.62 20.18 1.90
C ARG A 376 29.26 21.50 1.20
N LEU A 377 28.14 21.53 0.47
CA LEU A 377 27.73 22.73 -0.27
C LEU A 377 26.99 23.68 0.65
N GLN A 378 27.51 24.90 0.81
CA GLN A 378 26.91 25.87 1.72
C GLN A 378 27.08 27.24 1.08
N TYR A 379 26.00 28.01 1.01
CA TYR A 379 26.08 29.37 0.53
C TYR A 379 26.11 30.31 1.74
N ASN A 380 26.25 31.61 1.50
CA ASN A 380 26.27 32.56 2.61
C ASN A 380 24.87 33.12 2.89
N GLY A 385 29.22 31.89 5.46
CA GLY A 385 29.19 30.48 5.08
C GLY A 385 30.07 30.20 3.86
N VAL A 386 30.86 29.12 3.94
CA VAL A 386 31.70 28.67 2.83
C VAL A 386 31.42 27.20 2.55
N THR A 387 31.72 26.80 1.32
CA THR A 387 31.66 25.40 0.90
C THR A 387 33.00 24.72 1.14
N THR A 388 32.98 23.53 1.74
CA THR A 388 34.18 22.78 2.07
C THR A 388 34.09 21.36 1.49
N ALA A 389 35.23 20.66 1.47
CA ALA A 389 35.28 19.31 0.93
C ALA A 389 36.20 18.45 1.79
N TYR A 390 35.95 17.14 1.78
CA TYR A 390 36.66 16.20 2.66
C TYR A 390 37.14 14.99 1.87
N GLU A 391 38.17 14.34 2.41
CA GLU A 391 38.74 13.13 1.80
C GLU A 391 39.33 12.29 2.93
N LEU A 392 39.79 11.09 2.56
CA LEU A 392 40.61 10.32 3.47
C LEU A 392 42.07 10.72 3.30
N ASN A 393 42.81 10.75 4.40
CA ASN A 393 44.24 10.98 4.26
C ASN A 393 44.94 9.63 4.08
N THR A 394 46.26 9.69 3.83
CA THR A 394 47.00 8.44 3.61
C THR A 394 47.01 7.56 4.84
N ASN A 395 46.68 8.11 6.00
CA ASN A 395 46.56 7.31 7.22
C ASN A 395 45.18 6.72 7.39
N GLY A 396 44.23 7.09 6.54
CA GLY A 396 42.87 6.57 6.62
C GLY A 396 41.89 7.37 7.45
N GLY A 397 42.24 8.57 7.88
CA GLY A 397 41.33 9.42 8.63
C GLY A 397 40.66 10.47 7.74
N ILE A 398 39.51 10.96 8.19
CA ILE A 398 38.83 12.04 7.48
C ILE A 398 39.65 13.31 7.60
N ALA A 399 39.85 13.99 6.46
CA ALA A 399 40.60 15.23 6.38
C ALA A 399 39.84 16.24 5.52
N LYS A 400 39.99 17.51 5.87
CA LYS A 400 39.48 18.58 5.04
C LYS A 400 40.43 18.86 3.88
N ARG A 401 39.87 19.10 2.69
CA ARG A 401 40.69 19.53 1.55
C ARG A 401 41.16 20.96 1.73
N SER A 402 42.19 21.32 0.96
CA SER A 402 42.86 22.60 1.16
C SER A 402 41.97 23.80 0.83
N ASN A 403 41.22 23.74 -0.28
CA ASN A 403 40.51 24.92 -0.76
C ASN A 403 39.04 24.92 -0.33
N GLU A 404 38.58 26.09 0.07
CA GLU A 404 37.19 26.41 0.39
C GLU A 404 36.64 27.35 -0.67
N TYR A 405 35.30 27.47 -0.71
CA TYR A 405 34.67 28.23 -1.78
C TYR A 405 33.50 29.04 -1.24
N THR A 406 33.24 30.18 -1.88
CA THR A 406 32.04 30.97 -1.64
C THR A 406 31.13 30.79 -2.84
N ILE A 407 30.00 30.13 -2.65
CA ILE A 407 29.03 29.95 -3.71
C ILE A 407 27.73 30.63 -3.31
N THR A 408 26.89 30.86 -4.31
CA THR A 408 25.60 31.48 -4.07
C THR A 408 24.51 30.46 -3.85
N ARG A 409 23.35 30.97 -3.43
CA ARG A 409 22.19 30.15 -3.15
C ARG A 409 21.85 29.30 -4.36
N PHE A 410 21.58 28.01 -4.11
CA PHE A 410 21.27 27.08 -5.18
C PHE A 410 20.00 26.32 -4.87
N THR A 411 19.33 25.90 -5.93
CA THR A 411 18.13 25.08 -5.81
C THR A 411 18.31 23.70 -6.42
N THR A 412 19.42 23.46 -7.12
CA THR A 412 19.72 22.10 -7.60
C THR A 412 21.24 21.97 -7.71
N TYR A 413 21.70 20.72 -7.69
CA TYR A 413 23.13 20.40 -7.77
C TYR A 413 23.26 18.95 -8.23
N GLY A 414 24.39 18.66 -8.86
CA GLY A 414 24.71 17.29 -9.31
C GLY A 414 26.11 17.31 -9.91
N ILE A 415 26.56 16.16 -10.36
CA ILE A 415 27.91 15.97 -10.88
C ILE A 415 27.85 15.67 -12.38
N PHE A 416 28.73 16.30 -13.14
CA PHE A 416 28.98 15.86 -14.51
C PHE A 416 30.48 15.81 -14.71
N GLY A 417 30.99 14.67 -15.12
CA GLY A 417 32.44 14.55 -15.24
C GLY A 417 33.15 14.87 -13.95
N GLU A 418 34.12 15.79 -14.01
CA GLU A 418 34.88 16.14 -12.82
C GLU A 418 34.41 17.44 -12.20
N ASN A 419 33.16 17.85 -12.47
CA ASN A 419 32.61 19.07 -11.90
C ASN A 419 31.39 18.76 -11.05
N ILE A 420 31.38 19.30 -9.87
CA ILE A 420 30.14 19.48 -9.15
C ILE A 420 29.47 20.77 -9.65
N ILE A 421 28.19 20.69 -10.01
CA ILE A 421 27.50 21.81 -10.64
C ILE A 421 26.30 22.19 -9.79
N SER A 422 26.15 23.49 -9.50
CA SER A 422 24.98 23.97 -8.76
C SER A 422 24.31 25.06 -9.58
N SER A 423 23.00 25.24 -9.39
CA SER A 423 22.22 26.14 -10.24
C SER A 423 21.11 26.79 -9.43
N SER A 424 20.62 27.94 -9.91
CA SER A 424 19.46 28.61 -9.35
CA SER A 424 19.45 28.60 -9.36
C SER A 424 18.92 29.57 -10.39
N ALA A 425 17.65 29.93 -10.25
CA ALA A 425 17.10 31.07 -10.98
C ALA A 425 17.49 32.32 -10.21
N VAL A 426 17.90 33.39 -10.92
CA VAL A 426 18.45 34.59 -10.27
C VAL A 426 17.93 35.81 -11.01
N ASP A 427 17.95 36.96 -10.32
CA ASP A 427 17.87 38.23 -11.01
C ASP A 427 19.24 38.57 -11.58
N ALA A 428 19.28 39.06 -12.81
CA ALA A 428 20.54 39.54 -13.37
C ALA A 428 20.22 40.54 -14.48
N THR A 429 21.21 41.39 -14.79
CA THR A 429 21.12 42.30 -15.92
C THR A 429 21.36 41.59 -17.23
N PHE A 430 20.46 41.81 -18.19
CA PHE A 430 20.65 41.34 -19.56
C PHE A 430 20.46 42.49 -20.53
N THR A 431 21.10 42.38 -21.69
CA THR A 431 21.00 43.37 -22.75
C THR A 431 20.05 42.89 -23.84
N ASP A 432 19.01 43.66 -24.14
CA ASP A 432 18.12 43.40 -25.26
C ASP A 432 18.47 44.30 -26.45
N LEU A 433 18.19 43.81 -27.65
CA LEU A 433 18.40 44.62 -28.87
C LEU A 433 17.42 45.79 -28.93
N SER B 5 -30.40 -44.61 17.64
CA SER B 5 -30.90 -43.32 18.06
C SER B 5 -30.44 -42.24 17.08
N VAL B 6 -31.33 -41.32 16.73
CA VAL B 6 -30.97 -40.22 15.84
C VAL B 6 -30.26 -39.15 16.64
N GLN B 7 -29.10 -38.72 16.16
CA GLN B 7 -28.29 -37.73 16.88
C GLN B 7 -27.77 -36.70 15.89
N LYS B 8 -27.25 -35.60 16.41
CA LYS B 8 -26.57 -34.64 15.54
C LYS B 8 -25.14 -35.10 15.25
N GLY B 9 -24.76 -35.05 13.97
CA GLY B 9 -23.41 -35.33 13.54
C GLY B 9 -22.78 -34.12 12.84
N ILE B 10 -21.52 -34.29 12.49
CA ILE B 10 -20.78 -33.32 11.68
C ILE B 10 -20.34 -34.03 10.42
N ALA B 11 -20.84 -33.58 9.27
CA ALA B 11 -20.44 -34.15 7.99
C ALA B 11 -19.22 -33.43 7.44
N ILE B 12 -18.36 -34.19 6.76
CA ILE B 12 -17.17 -33.67 6.08
C ILE B 12 -17.09 -34.27 4.70
N THR B 13 -16.97 -33.41 3.68
CA THR B 13 -16.78 -33.81 2.30
C THR B 13 -15.47 -33.26 1.80
N TYR B 14 -14.74 -34.08 1.06
CA TYR B 14 -13.46 -33.74 0.45
C TYR B 14 -13.60 -33.71 -1.07
N LEU B 15 -13.10 -32.63 -1.69
CA LEU B 15 -12.82 -32.62 -3.13
C LEU B 15 -11.29 -32.56 -3.29
N HIS B 16 -10.71 -33.66 -3.75
CA HIS B 16 -9.27 -33.75 -3.90
C HIS B 16 -8.88 -33.07 -5.21
N VAL B 17 -8.10 -31.99 -5.13
CA VAL B 17 -8.02 -31.15 -6.33
C VAL B 17 -7.08 -31.71 -7.42
N THR B 18 -6.08 -32.52 -7.06
CA THR B 18 -5.15 -32.98 -8.10
C THR B 18 -5.77 -34.07 -8.96
N ASP B 19 -6.45 -35.03 -8.36
CA ASP B 19 -6.99 -36.13 -9.16
C ASP B 19 -8.51 -36.08 -9.30
N GLN B 20 -9.16 -35.02 -8.81
CA GLN B 20 -10.57 -34.77 -9.07
C GLN B 20 -11.47 -35.90 -8.53
N ILE B 21 -11.26 -36.25 -7.26
CA ILE B 21 -12.00 -37.31 -6.59
C ILE B 21 -12.69 -36.75 -5.35
N MET B 22 -14.01 -36.98 -5.26
CA MET B 22 -14.82 -36.63 -4.09
C MET B 22 -14.84 -37.81 -3.11
N LYS B 23 -14.74 -37.49 -1.82
CA LYS B 23 -14.90 -38.54 -0.83
C LYS B 23 -15.62 -37.97 0.39
N ASN B 24 -16.42 -38.81 1.06
CA ASN B 24 -17.15 -38.41 2.24
C ASN B 24 -16.56 -39.10 3.47
N ARG B 25 -16.22 -38.31 4.48
CA ARG B 25 -15.78 -38.86 5.75
C ARG B 25 -16.93 -39.57 6.43
N ASP B 26 -16.62 -40.55 7.26
CA ASP B 26 -17.62 -41.02 8.20
C ASP B 26 -18.08 -39.83 9.02
N VAL B 27 -19.38 -39.78 9.32
CA VAL B 27 -19.92 -38.67 10.10
CA VAL B 27 -19.92 -38.69 10.10
C VAL B 27 -19.35 -38.70 11.51
N ILE B 28 -18.99 -37.51 12.01
CA ILE B 28 -18.48 -37.32 13.36
C ILE B 28 -19.65 -37.08 14.31
N ARG B 29 -19.57 -37.66 15.51
CA ARG B 29 -20.60 -37.39 16.50
C ARG B 29 -20.52 -35.93 16.93
N GLY B 30 -21.65 -35.22 16.85
CA GLY B 30 -21.71 -33.83 17.26
C GLY B 30 -22.33 -33.64 18.63
N GLU B 31 -23.01 -34.68 19.13
CA GLU B 31 -23.61 -34.57 20.45
C GLU B 31 -22.54 -34.41 21.52
N ASN B 32 -22.75 -33.43 22.41
CA ASN B 32 -21.86 -33.20 23.53
C ASN B 32 -20.44 -32.85 23.07
N PHE B 33 -20.32 -32.14 21.94
CA PHE B 33 -19.00 -31.91 21.37
C PHE B 33 -18.11 -31.11 22.31
N LEU B 34 -18.71 -30.22 23.10
CA LEU B 34 -18.01 -29.31 23.99
C LEU B 34 -18.17 -29.66 25.45
N GLY B 35 -18.79 -30.81 25.77
CA GLY B 35 -18.87 -31.25 27.14
C GLY B 35 -20.07 -30.76 27.92
N ASN B 36 -20.98 -30.03 27.27
CA ASN B 36 -22.21 -29.52 27.90
C ASN B 36 -23.47 -30.06 27.22
N GLY B 37 -23.33 -31.07 26.38
CA GLY B 37 -24.45 -31.72 25.73
C GLY B 37 -24.89 -31.12 24.41
N GLU B 38 -24.53 -29.86 24.14
CA GLU B 38 -24.98 -29.21 22.93
C GLU B 38 -24.24 -29.77 21.70
N TYR B 39 -24.84 -29.58 20.52
CA TYR B 39 -24.15 -29.95 19.29
C TYR B 39 -23.64 -28.67 18.61
N VAL B 40 -22.90 -28.87 17.51
CA VAL B 40 -22.15 -27.76 16.93
C VAL B 40 -22.22 -27.72 15.41
N THR B 41 -21.96 -26.53 14.85
CA THR B 41 -21.70 -26.32 13.44
C THR B 41 -20.30 -25.73 13.30
N PHE B 42 -19.45 -26.35 12.49
CA PHE B 42 -18.13 -25.77 12.25
C PHE B 42 -18.25 -24.49 11.44
N ALA B 43 -17.52 -23.45 11.87
CA ALA B 43 -17.46 -22.18 11.12
C ALA B 43 -16.00 -21.94 10.80
N GLY B 44 -15.61 -22.17 9.55
CA GLY B 44 -14.24 -21.98 9.11
C GLY B 44 -13.48 -23.29 9.06
N ILE B 45 -12.70 -23.48 7.98
CA ILE B 45 -11.71 -24.56 7.87
C ILE B 45 -10.40 -23.83 7.61
N LEU B 46 -9.69 -23.44 8.67
CA LEU B 46 -8.56 -22.54 8.55
C LEU B 46 -7.25 -23.34 8.58
N GLU B 47 -6.52 -23.32 7.48
CA GLU B 47 -5.20 -23.92 7.46
C GLU B 47 -4.16 -22.96 8.02
N ALA B 48 -3.48 -23.36 9.10
CA ALA B 48 -2.42 -22.52 9.66
C ALA B 48 -1.52 -23.43 10.47
N ASN B 49 -0.20 -23.21 10.40
CA ASN B 49 0.77 -23.98 11.20
C ASN B 49 0.63 -25.47 10.93
N ASN B 50 0.27 -25.82 9.71
CA ASN B 50 0.14 -27.21 9.28
C ASN B 50 -0.96 -27.95 10.03
N LYS B 51 -1.97 -27.22 10.50
CA LYS B 51 -3.10 -27.79 11.20
C LYS B 51 -4.39 -27.13 10.70
N ILE B 52 -5.54 -27.64 11.16
CA ILE B 52 -6.85 -27.08 10.82
C ILE B 52 -7.46 -26.46 12.08
N TYR B 53 -7.87 -25.20 11.99
CA TYR B 53 -8.60 -24.55 13.06
C TYR B 53 -10.04 -24.33 12.61
N THR B 54 -10.96 -24.53 13.54
CA THR B 54 -12.36 -24.21 13.29
C THR B 54 -13.00 -23.73 14.57
N ALA B 55 -14.06 -22.92 14.41
CA ALA B 55 -14.88 -22.49 15.55
C ALA B 55 -16.08 -23.40 15.61
N PRO B 56 -16.19 -24.28 16.59
CA PRO B 56 -17.41 -25.08 16.72
C PRO B 56 -18.52 -24.25 17.31
N ILE B 57 -19.47 -23.82 16.50
CA ILE B 57 -20.49 -22.88 16.94
C ILE B 57 -21.61 -23.67 17.62
N PRO B 58 -21.96 -23.33 18.85
CA PRO B 58 -22.96 -24.16 19.57
C PRO B 58 -24.35 -23.91 19.00
N MET B 59 -25.16 -24.97 19.02
CA MET B 59 -26.44 -24.97 18.35
C MET B 59 -27.60 -25.12 19.32
N GLY B 60 -27.30 -25.32 20.60
CA GLY B 60 -28.33 -25.72 21.56
C GLY B 60 -28.37 -27.22 21.71
N LEU B 61 -29.55 -27.73 22.05
CA LEU B 61 -29.77 -29.15 22.24
C LEU B 61 -30.67 -29.73 21.16
N SER B 62 -30.28 -30.89 20.65
CA SER B 62 -31.12 -31.68 19.78
C SER B 62 -32.22 -32.39 20.58
N VAL B 63 -33.15 -33.00 19.86
CA VAL B 63 -34.15 -33.83 20.52
C VAL B 63 -33.46 -34.88 21.38
N TYR B 64 -32.45 -35.56 20.83
CA TYR B 64 -31.63 -36.49 21.60
C TYR B 64 -31.01 -35.80 22.80
N GLY B 65 -30.48 -34.59 22.62
CA GLY B 65 -29.70 -33.96 23.68
C GLY B 65 -30.52 -33.45 24.85
N SER B 66 -31.75 -32.99 24.59
CA SER B 66 -32.58 -32.50 25.68
C SER B 66 -33.15 -33.64 26.52
N ALA B 67 -33.41 -34.77 25.89
CA ALA B 67 -33.93 -35.96 26.55
C ALA B 67 -32.85 -36.78 27.25
N PHE B 68 -31.59 -36.60 26.88
CA PHE B 68 -30.51 -37.46 27.34
C PHE B 68 -30.44 -37.50 28.86
N GLU B 69 -30.41 -38.71 29.41
CA GLU B 69 -30.35 -38.97 30.86
C GLU B 69 -31.27 -38.04 31.64
N ASP B 70 -32.55 -38.04 31.26
CA ASP B 70 -33.60 -37.28 31.95
C ASP B 70 -33.29 -35.78 32.02
N GLY B 71 -32.78 -35.23 30.93
CA GLY B 71 -32.56 -33.80 30.86
C GLY B 71 -31.31 -33.31 31.54
N LYS B 72 -30.30 -34.17 31.66
CA LYS B 72 -29.02 -33.81 32.27
C LYS B 72 -28.50 -32.47 31.77
N TRP B 73 -28.59 -32.26 30.46
CA TRP B 73 -27.97 -31.14 29.77
C TRP B 73 -28.84 -29.89 29.71
N VAL B 74 -30.09 -29.99 30.17
CA VAL B 74 -31.06 -28.91 30.01
C VAL B 74 -30.91 -27.94 31.17
N LYS B 75 -30.29 -26.78 30.89
CA LYS B 75 -30.13 -25.78 31.95
C LYS B 75 -31.36 -24.90 32.08
N TYR B 76 -32.05 -24.61 30.97
CA TYR B 76 -33.20 -23.72 30.96
C TYR B 76 -34.38 -24.49 30.38
N PRO B 77 -35.07 -25.30 31.19
CA PRO B 77 -36.16 -26.14 30.64
C PRO B 77 -37.28 -25.35 29.97
N GLU B 78 -37.46 -24.07 30.30
CA GLU B 78 -38.55 -23.30 29.71
C GLU B 78 -38.30 -22.98 28.24
N LEU B 79 -37.09 -23.17 27.74
CA LEU B 79 -36.79 -22.95 26.34
C LEU B 79 -36.91 -24.22 25.51
N VAL B 80 -37.08 -25.38 26.14
CA VAL B 80 -37.25 -26.58 25.34
C VAL B 80 -38.55 -26.47 24.58
N LYS B 81 -38.50 -26.71 23.27
CA LYS B 81 -39.67 -26.53 22.43
C LYS B 81 -40.68 -27.61 22.75
N THR B 82 -41.92 -27.19 23.03
CA THR B 82 -43.00 -28.13 23.31
C THR B 82 -43.76 -28.56 22.06
N GLU B 83 -43.55 -27.88 20.94
CA GLU B 83 -44.20 -28.22 19.67
C GLU B 83 -43.23 -27.94 18.53
N ASP B 84 -43.60 -28.36 17.32
CA ASP B 84 -42.86 -27.94 16.14
C ASP B 84 -43.21 -26.48 15.80
N GLY B 85 -42.42 -25.89 14.91
CA GLY B 85 -42.66 -24.52 14.52
C GLY B 85 -41.49 -23.92 13.76
N GLY B 86 -41.55 -22.61 13.57
CA GLY B 86 -40.48 -21.88 12.90
C GLY B 86 -40.59 -21.92 11.40
N SER B 87 -39.62 -21.28 10.75
CA SER B 87 -39.57 -21.18 9.29
C SER B 87 -38.13 -21.25 8.80
N ASN B 88 -37.94 -21.89 7.66
CA ASN B 88 -36.64 -21.94 6.95
C ASN B 88 -35.64 -22.69 7.84
N SER B 89 -34.39 -22.23 7.94
CA SER B 89 -33.41 -22.87 8.80
C SER B 89 -33.71 -22.63 10.27
N SER B 90 -34.50 -21.62 10.59
CA SER B 90 -34.93 -21.34 11.95
C SER B 90 -36.08 -22.25 12.40
N SER B 91 -36.48 -23.21 11.56
CA SER B 91 -37.51 -24.17 11.95
C SER B 91 -36.97 -25.12 13.03
N TYR B 92 -37.88 -25.56 13.90
CA TYR B 92 -37.50 -26.39 15.03
C TYR B 92 -38.54 -27.48 15.24
N GLU B 93 -38.12 -28.56 15.89
CA GLU B 93 -38.97 -29.68 16.19
C GLU B 93 -39.15 -29.83 17.69
N LYS B 94 -40.17 -30.60 18.07
CA LYS B 94 -40.51 -30.79 19.46
C LYS B 94 -39.34 -31.38 20.23
N GLY B 95 -39.04 -30.79 21.39
CA GLY B 95 -37.95 -31.25 22.22
C GLY B 95 -36.60 -30.63 21.94
N GLU B 96 -36.47 -29.86 20.86
CA GLU B 96 -35.23 -29.13 20.63
C GLU B 96 -35.14 -27.95 21.59
N LEU B 97 -33.91 -27.55 21.87
CA LEU B 97 -33.64 -26.29 22.54
C LEU B 97 -32.78 -25.52 21.55
N GLN B 98 -33.40 -24.55 20.89
CA GLN B 98 -32.77 -23.79 19.83
C GLN B 98 -31.83 -22.73 20.38
N TRP B 99 -30.60 -22.70 19.82
CA TRP B 99 -29.54 -21.72 20.14
C TRP B 99 -28.86 -22.08 21.45
N THR B 100 -27.64 -21.60 21.67
CA THR B 100 -26.87 -22.08 22.83
C THR B 100 -27.46 -21.57 24.13
N GLN B 101 -27.35 -22.41 25.18
CA GLN B 101 -27.56 -21.98 26.55
C GLN B 101 -26.32 -21.32 27.16
N TYR B 102 -25.20 -21.28 26.44
CA TYR B 102 -23.92 -20.80 26.97
C TYR B 102 -23.33 -19.74 26.04
N PRO B 103 -23.95 -18.56 26.01
CA PRO B 103 -23.54 -17.53 25.03
C PRO B 103 -22.28 -16.75 25.38
N ASN B 104 -21.78 -16.84 26.61
CA ASN B 104 -20.70 -15.96 27.08
C ASN B 104 -19.35 -16.64 27.04
N GLU B 105 -19.08 -17.37 25.97
CA GLU B 105 -17.82 -18.08 25.78
C GLU B 105 -17.62 -18.36 24.30
N ALA B 106 -16.39 -18.71 23.95
CA ALA B 106 -16.10 -19.16 22.59
C ALA B 106 -15.13 -20.32 22.63
N TRP B 107 -15.33 -21.29 21.74
CA TRP B 107 -14.45 -22.43 21.59
C TRP B 107 -13.72 -22.39 20.25
N VAL B 108 -12.51 -22.95 20.23
CA VAL B 108 -11.79 -23.34 19.01
C VAL B 108 -11.42 -24.82 19.09
N ALA B 109 -11.58 -25.53 17.96
CA ALA B 109 -11.04 -26.88 17.80
C ALA B 109 -9.84 -26.85 16.87
N ILE B 110 -8.73 -27.46 17.29
CA ILE B 110 -7.52 -27.58 16.49
C ILE B 110 -7.31 -29.04 16.13
N TYR B 111 -7.32 -29.36 14.84
CA TYR B 111 -7.11 -30.72 14.35
C TYR B 111 -5.73 -30.83 13.73
N ASN B 112 -5.07 -31.97 13.96
CA ASN B 112 -3.72 -32.13 13.45
C ASN B 112 -3.68 -32.25 11.92
N ASP B 113 -4.72 -32.80 11.30
CA ASP B 113 -4.71 -32.96 9.85
C ASP B 113 -6.14 -33.11 9.35
N GLU B 114 -6.29 -33.35 8.04
CA GLU B 114 -7.61 -33.34 7.42
C GLU B 114 -8.44 -34.58 7.74
N ASN B 115 -7.92 -35.50 8.55
CA ASN B 115 -8.76 -36.63 8.94
C ASN B 115 -9.70 -36.29 10.08
N PHE B 116 -9.60 -35.10 10.67
CA PHE B 116 -10.49 -34.66 11.72
C PHE B 116 -10.63 -35.70 12.85
N ASN B 117 -9.48 -36.04 13.47
CA ASN B 117 -9.47 -36.92 14.64
C ASN B 117 -8.90 -36.19 15.84
N ASN B 118 -9.48 -36.46 17.02
CA ASN B 118 -9.00 -36.07 18.35
C ASN B 118 -8.65 -34.58 18.42
N PRO B 119 -9.63 -33.72 18.34
CA PRO B 119 -9.33 -32.28 18.32
C PRO B 119 -8.81 -31.82 19.66
N THR B 120 -7.99 -30.79 19.62
CA THR B 120 -7.64 -30.04 20.82
C THR B 120 -8.68 -28.95 20.96
N LEU B 121 -9.46 -29.00 22.03
CA LEU B 121 -10.54 -28.03 22.26
C LEU B 121 -10.14 -27.05 23.35
N ILE B 122 -10.28 -25.77 23.06
CA ILE B 122 -9.94 -24.73 24.01
C ILE B 122 -11.04 -23.68 24.03
N ARG B 123 -11.21 -23.07 25.21
CA ARG B 123 -12.35 -22.22 25.53
C ARG B 123 -11.86 -20.89 26.10
N THR B 124 -12.54 -19.80 25.71
CA THR B 124 -12.31 -18.49 26.33
C THR B 124 -13.63 -17.93 26.84
N ASP B 125 -13.59 -17.21 27.94
CA ASP B 125 -14.78 -16.52 28.41
C ASP B 125 -14.76 -15.01 28.07
N LYS B 126 -13.83 -14.58 27.22
CA LYS B 126 -13.69 -13.16 26.93
C LYS B 126 -14.55 -12.68 25.78
N ILE B 127 -14.99 -13.60 24.91
CA ILE B 127 -15.81 -13.27 23.73
C ILE B 127 -16.92 -14.32 23.61
N SER B 128 -17.97 -13.96 22.90
CA SER B 128 -19.00 -14.93 22.51
C SER B 128 -18.50 -15.74 21.30
N TYR B 129 -19.35 -16.61 20.74
CA TYR B 129 -18.85 -17.57 19.76
C TYR B 129 -18.40 -16.87 18.47
N ALA B 130 -17.43 -17.52 17.81
CA ALA B 130 -16.67 -16.89 16.72
C ALA B 130 -17.24 -17.24 15.34
N CYS B 131 -18.34 -16.59 15.00
CA CYS B 131 -18.80 -16.59 13.62
C CYS B 131 -19.71 -15.38 13.44
N GLY B 132 -19.89 -14.98 12.16
CA GLY B 132 -20.96 -14.07 11.81
C GLY B 132 -22.17 -14.86 11.33
N ARG B 133 -23.33 -14.20 11.36
CA ARG B 133 -24.57 -14.85 10.93
C ARG B 133 -25.40 -13.89 10.10
N MET B 134 -26.12 -14.48 9.14
CA MET B 134 -27.09 -13.75 8.32
C MET B 134 -28.08 -14.81 7.83
N ARG B 135 -29.30 -14.77 8.34
CA ARG B 135 -30.27 -15.84 8.08
C ARG B 135 -29.63 -17.22 8.23
N SER B 136 -29.65 -18.06 7.21
CA SER B 136 -29.12 -19.40 7.40
C SER B 136 -27.60 -19.48 7.28
N GLN B 137 -26.91 -18.35 7.02
CA GLN B 137 -25.49 -18.40 6.69
C GLN B 137 -24.62 -18.25 7.93
N TYR B 138 -23.47 -18.93 7.93
CA TYR B 138 -22.44 -18.82 8.97
C TYR B 138 -21.20 -18.28 8.30
N TYR B 139 -20.68 -17.16 8.80
CA TYR B 139 -19.50 -16.56 8.19
C TYR B 139 -18.28 -16.83 9.07
N GLN B 140 -17.18 -17.22 8.45
CA GLN B 140 -15.95 -17.43 9.19
C GLN B 140 -15.39 -16.11 9.76
N THR B 141 -15.00 -16.17 11.04
CA THR B 141 -14.37 -15.04 11.72
C THR B 141 -13.14 -15.46 12.52
N ILE B 142 -12.53 -16.60 12.17
CA ILE B 142 -11.26 -17.06 12.74
C ILE B 142 -10.24 -17.05 11.59
N TRP B 143 -9.18 -16.24 11.73
CA TRP B 143 -8.23 -16.07 10.64
C TRP B 143 -6.80 -16.09 11.17
N ALA B 144 -5.84 -16.39 10.29
CA ALA B 144 -4.43 -16.40 10.67
C ALA B 144 -3.70 -15.17 10.15
N ALA B 145 -2.91 -14.54 11.00
CA ALA B 145 -1.93 -13.55 10.55
C ALA B 145 -0.86 -14.26 9.72
N ASP B 146 -0.01 -13.48 9.05
CA ASP B 146 1.02 -14.11 8.22
C ASP B 146 1.99 -14.95 9.04
N ASN B 147 2.22 -14.57 10.31
CA ASN B 147 3.15 -15.33 11.14
C ASN B 147 2.52 -16.58 11.76
N GLY B 148 1.28 -16.89 11.44
CA GLY B 148 0.66 -18.11 11.96
C GLY B 148 -0.17 -17.92 13.24
N ASP B 149 -0.04 -16.79 13.91
CA ASP B 149 -0.94 -16.48 15.01
C ASP B 149 -2.39 -16.48 14.52
N VAL B 150 -3.28 -17.12 15.28
CA VAL B 150 -4.67 -17.25 14.89
C VAL B 150 -5.49 -16.27 15.74
N TYR B 151 -6.22 -15.38 15.04
CA TYR B 151 -7.06 -14.38 15.68
C TYR B 151 -8.51 -14.83 15.59
N VAL B 152 -9.21 -14.75 16.70
CA VAL B 152 -10.51 -15.37 16.85
C VAL B 152 -11.48 -14.25 17.16
N PHE B 153 -12.28 -13.84 16.16
CA PHE B 153 -13.15 -12.67 16.25
C PHE B 153 -14.56 -13.11 16.56
N SER B 154 -15.26 -12.34 17.39
CA SER B 154 -16.70 -12.58 17.59
C SER B 154 -17.46 -11.28 17.46
N PRO B 155 -18.48 -11.22 16.61
CA PRO B 155 -19.37 -10.06 16.57
C PRO B 155 -20.45 -10.05 17.62
N SER B 156 -20.46 -11.06 18.52
CA SER B 156 -21.51 -11.15 19.54
C SER B 156 -22.90 -11.14 18.92
N TYR B 157 -23.07 -11.95 17.87
CA TYR B 157 -24.39 -12.13 17.26
C TYR B 157 -25.43 -12.53 18.28
N ALA B 158 -25.06 -13.34 19.28
CA ALA B 158 -26.02 -13.77 20.28
C ALA B 158 -26.69 -12.63 21.04
N LYS B 159 -26.16 -11.41 20.99
CA LYS B 159 -26.85 -10.33 21.66
C LYS B 159 -28.27 -10.08 21.14
N ILE B 160 -28.65 -10.59 19.95
CA ILE B 160 -30.00 -10.37 19.44
C ILE B 160 -30.91 -11.57 19.70
N MET B 161 -30.49 -12.54 20.51
CA MET B 161 -31.41 -13.64 20.81
C MET B 161 -32.64 -13.11 21.56
N ASP B 162 -33.77 -13.79 21.35
CA ASP B 162 -35.02 -13.34 21.99
C ASP B 162 -34.97 -13.52 23.51
N ALA B 163 -34.58 -14.72 23.97
CA ALA B 163 -34.53 -14.97 25.41
C ALA B 163 -33.28 -14.36 26.02
N ASP B 164 -33.47 -13.57 27.08
CA ASP B 164 -32.36 -12.86 27.72
C ASP B 164 -31.24 -13.82 28.14
N VAL B 165 -31.58 -15.01 28.64
CA VAL B 165 -30.51 -15.90 29.09
C VAL B 165 -29.69 -16.41 27.93
N GLN B 166 -30.22 -16.37 26.71
CA GLN B 166 -29.49 -16.78 25.53
C GLN B 166 -28.73 -15.64 24.86
N LYS B 167 -28.88 -14.40 25.35
CA LYS B 167 -28.06 -13.30 24.86
C LYS B 167 -26.65 -13.37 25.47
N THR B 168 -25.65 -12.94 24.69
CA THR B 168 -24.37 -12.66 25.32
C THR B 168 -24.35 -11.24 25.91
N ASN B 169 -23.63 -11.09 27.03
CA ASN B 169 -23.33 -9.77 27.58
C ASN B 169 -21.91 -9.31 27.27
N LEU B 170 -21.22 -10.01 26.36
CA LEU B 170 -19.87 -9.66 25.97
C LEU B 170 -19.89 -8.79 24.72
N PRO B 171 -19.09 -7.73 24.68
CA PRO B 171 -19.00 -6.93 23.46
C PRO B 171 -18.27 -7.72 22.40
N ALA B 172 -18.50 -7.31 21.14
CA ALA B 172 -17.73 -7.86 20.04
C ALA B 172 -16.25 -7.65 20.30
N GLY B 173 -15.46 -8.68 20.01
CA GLY B 173 -14.08 -8.66 20.43
C GLY B 173 -13.26 -9.72 19.74
N VAL B 174 -11.98 -9.79 20.14
CA VAL B 174 -11.06 -10.71 19.48
C VAL B 174 -10.00 -11.17 20.49
N VAL B 175 -9.68 -12.48 20.41
CA VAL B 175 -8.59 -13.08 21.19
C VAL B 175 -7.61 -13.73 20.23
N ARG B 176 -6.54 -14.33 20.77
CA ARG B 176 -5.41 -14.80 19.97
C ARG B 176 -4.89 -16.15 20.47
N ILE B 177 -4.54 -17.02 19.51
CA ILE B 177 -3.76 -18.23 19.75
C ILE B 177 -2.43 -18.03 19.03
N LYS B 178 -1.33 -17.99 19.78
CA LYS B 178 -0.03 -17.83 19.14
C LYS B 178 0.32 -19.05 18.30
N ALA B 179 1.10 -18.80 17.23
CA ALA B 179 1.51 -19.86 16.32
C ALA B 179 2.12 -21.02 17.10
N GLY B 180 1.62 -22.23 16.85
CA GLY B 180 2.10 -23.43 17.51
C GLY B 180 1.65 -23.59 18.95
N ALA B 181 0.93 -22.63 19.51
CA ALA B 181 0.44 -22.82 20.87
C ALA B 181 -0.83 -23.66 20.86
N THR B 182 -1.20 -24.15 22.04
CA THR B 182 -2.37 -24.99 22.20
C THR B 182 -3.43 -24.36 23.11
N ASP B 183 -3.31 -23.06 23.41
CA ASP B 183 -4.29 -22.35 24.22
C ASP B 183 -4.22 -20.89 23.83
N PHE B 184 -5.24 -20.13 24.23
CA PHE B 184 -5.23 -18.68 24.05
C PHE B 184 -4.12 -18.05 24.88
N ASP B 185 -3.62 -16.89 24.45
CA ASP B 185 -2.66 -16.16 25.27
C ASP B 185 -3.43 -15.09 26.04
N SER B 186 -2.79 -14.00 26.44
CA SER B 186 -3.47 -12.97 27.21
C SER B 186 -4.10 -11.88 26.36
N TYR B 187 -3.98 -11.96 25.03
CA TYR B 187 -4.44 -10.87 24.17
C TYR B 187 -5.96 -10.74 24.24
N TYR B 188 -6.44 -9.50 24.28
CA TYR B 188 -7.88 -9.26 24.12
C TYR B 188 -8.11 -7.84 23.63
N CYS B 189 -8.99 -7.69 22.64
CA CYS B 189 -9.38 -6.37 22.17
C CYS B 189 -10.90 -6.28 22.14
N ASN B 190 -11.44 -5.28 22.82
CA ASN B 190 -12.87 -4.96 22.75
C ASN B 190 -13.09 -4.09 21.51
N LEU B 191 -13.76 -4.65 20.50
CA LEU B 191 -13.88 -3.93 19.24
C LEU B 191 -14.98 -2.85 19.31
N GLU B 192 -16.02 -3.07 20.10
CA GLU B 192 -17.07 -2.06 20.22
C GLU B 192 -16.52 -0.75 20.78
N GLU B 193 -15.55 -0.83 21.68
CA GLU B 193 -14.97 0.38 22.24
C GLU B 193 -14.20 1.19 21.20
N LEU B 194 -13.70 0.55 20.14
CA LEU B 194 -12.95 1.22 19.08
C LEU B 194 -13.81 1.65 17.90
N SER B 195 -15.02 1.10 17.75
CA SER B 195 -15.83 1.31 16.55
C SER B 195 -16.99 2.28 16.73
N GLY B 196 -17.11 2.93 17.88
CA GLY B 196 -18.29 3.72 18.14
C GLY B 196 -19.49 2.90 18.59
N GLY B 197 -19.25 1.76 19.22
CA GLY B 197 -20.32 0.90 19.67
C GLY B 197 -20.90 -0.03 18.61
N LYS B 198 -20.18 -0.30 17.52
CA LYS B 198 -20.72 -1.07 16.42
C LYS B 198 -20.03 -2.42 16.33
N SER B 199 -20.77 -3.42 15.86
CA SER B 199 -20.21 -4.74 15.62
C SER B 199 -20.08 -4.93 14.11
N PHE B 200 -19.89 -6.19 13.68
CA PHE B 200 -19.55 -6.46 12.28
C PHE B 200 -20.29 -7.71 11.80
N LEU B 201 -20.57 -7.75 10.51
CA LEU B 201 -21.23 -8.89 9.90
C LEU B 201 -20.25 -10.07 9.74
N ARG B 202 -19.05 -9.78 9.27
CA ARG B 202 -18.06 -10.80 8.95
C ARG B 202 -16.71 -10.08 8.83
N CYS B 203 -15.63 -10.88 8.68
CA CYS B 203 -14.31 -10.30 8.54
C CYS B 203 -13.42 -11.28 7.79
N TRP B 204 -12.23 -10.79 7.43
CA TRP B 204 -11.27 -11.53 6.63
C TRP B 204 -9.86 -11.06 6.95
N HIS B 205 -8.86 -11.87 6.59
CA HIS B 205 -7.48 -11.42 6.72
C HIS B 205 -7.08 -10.64 5.48
N ILE B 206 -6.31 -9.55 5.67
CA ILE B 206 -5.73 -8.86 4.52
C ILE B 206 -4.28 -9.27 4.28
N THR B 207 -3.42 -8.95 5.25
CA THR B 207 -1.99 -9.19 5.15
C THR B 207 -1.41 -8.90 6.53
N GLY B 208 -0.25 -9.49 6.81
CA GLY B 208 0.38 -9.25 8.10
C GLY B 208 -0.57 -9.48 9.27
N ASP B 209 -0.70 -8.50 10.17
CA ASP B 209 -1.69 -8.52 11.24
C ASP B 209 -2.88 -7.62 10.93
N TYR B 210 -3.15 -7.35 9.64
CA TYR B 210 -4.29 -6.52 9.24
C TYR B 210 -5.48 -7.35 8.81
N PHE B 211 -6.64 -7.02 9.35
CA PHE B 211 -7.89 -7.71 9.03
C PHE B 211 -8.92 -6.67 8.59
N LEU B 212 -9.81 -7.11 7.71
CA LEU B 212 -10.87 -6.29 7.14
C LEU B 212 -12.18 -6.71 7.79
N LEU B 213 -12.91 -5.74 8.35
CA LEU B 213 -14.20 -5.98 9.01
C LEU B 213 -15.32 -5.24 8.28
N GLN B 214 -16.36 -5.97 7.89
CA GLN B 214 -17.55 -5.36 7.32
C GLN B 214 -18.46 -4.97 8.49
N MET B 215 -18.54 -3.67 8.76
CA MET B 215 -19.18 -3.13 9.94
C MET B 215 -20.67 -2.85 9.72
N TYR B 216 -21.44 -3.06 10.78
CA TYR B 216 -22.81 -2.56 10.85
C TYR B 216 -22.82 -1.07 11.17
N THR B 217 -23.69 -0.32 10.48
CA THR B 217 -23.86 1.09 10.84
C THR B 217 -24.90 1.27 11.94
N GLY B 218 -25.85 0.35 12.03
CA GLY B 218 -26.84 0.39 13.09
C GLY B 218 -26.62 -0.75 14.07
N GLU B 219 -27.65 -1.49 14.38
CA GLU B 219 -27.52 -2.62 15.29
C GLU B 219 -27.29 -3.91 14.49
N ILE B 220 -26.67 -4.90 15.15
CA ILE B 220 -26.55 -6.23 14.55
C ILE B 220 -27.95 -6.81 14.39
N ASN B 221 -28.16 -7.57 13.32
CA ASN B 221 -29.50 -8.05 13.01
C ASN B 221 -29.40 -9.26 12.10
N SER B 222 -30.48 -10.06 12.08
CA SER B 222 -30.41 -11.35 11.40
C SER B 222 -30.41 -11.22 9.88
N ARG B 223 -30.88 -10.10 9.35
CA ARG B 223 -30.93 -9.92 7.91
C ARG B 223 -29.68 -9.27 7.32
N GLY B 224 -28.72 -8.84 8.14
CA GLY B 224 -27.54 -8.22 7.57
C GLY B 224 -27.74 -6.80 7.10
N THR B 225 -28.84 -6.16 7.53
CA THR B 225 -29.14 -4.80 7.14
C THR B 225 -28.13 -3.83 7.70
N GLY B 226 -27.70 -2.85 6.88
CA GLY B 226 -26.84 -1.81 7.40
C GLY B 226 -25.36 -2.17 7.49
N ALA B 227 -24.95 -3.31 6.93
CA ALA B 227 -23.53 -3.70 6.98
C ALA B 227 -22.82 -3.12 5.76
N THR B 228 -22.69 -1.81 5.77
CA THR B 228 -22.34 -1.06 4.58
C THR B 228 -21.05 -0.25 4.70
N ARG B 229 -20.26 -0.48 5.73
CA ARG B 229 -18.96 0.16 5.90
C ARG B 229 -17.90 -0.92 6.10
N MET B 230 -16.68 -0.58 5.74
CA MET B 230 -15.50 -1.40 5.99
C MET B 230 -14.60 -0.70 6.99
N ALA B 231 -13.92 -1.50 7.82
CA ALA B 231 -12.89 -0.95 8.72
C ALA B 231 -11.70 -1.88 8.69
N VAL B 232 -10.52 -1.31 8.88
CA VAL B 232 -9.27 -2.08 8.95
C VAL B 232 -8.84 -2.19 10.40
N PHE B 233 -8.62 -3.43 10.86
CA PHE B 233 -8.17 -3.72 12.21
C PHE B 233 -6.72 -4.18 12.15
N LYS B 234 -5.82 -3.49 12.87
CA LYS B 234 -4.43 -3.92 12.97
C LYS B 234 -4.25 -4.54 14.35
N ALA B 235 -4.04 -5.86 14.37
CA ALA B 235 -4.22 -6.59 15.63
C ALA B 235 -3.19 -6.18 16.69
N THR B 236 -1.92 -6.02 16.29
CA THR B 236 -0.87 -5.67 17.27
C THR B 236 -0.69 -4.16 17.41
N GLY B 237 -1.58 -3.39 16.80
CA GLY B 237 -1.47 -1.95 16.85
C GLY B 237 -1.74 -1.39 18.24
N ASN B 238 -1.33 -0.14 18.44
CA ASN B 238 -1.43 0.54 19.73
C ASN B 238 -0.86 -0.33 20.87
N GLY B 239 0.38 -0.79 20.67
CA GLY B 239 1.06 -1.58 21.67
C GLY B 239 0.38 -2.88 22.03
N ASP B 240 -0.06 -3.59 21.00
CA ASP B 240 -0.68 -4.93 21.12
C ASP B 240 -2.03 -4.86 21.81
N LYS B 241 -2.69 -3.73 21.68
CA LYS B 241 -4.05 -3.54 22.15
C LYS B 241 -5.08 -3.60 21.03
N GLY B 242 -4.66 -3.60 19.77
CA GLY B 242 -5.55 -3.48 18.62
C GLY B 242 -5.82 -2.04 18.21
N GLU B 243 -5.96 -1.78 16.91
CA GLU B 243 -6.26 -0.45 16.40
C GLU B 243 -7.23 -0.57 15.24
N LEU B 244 -8.29 0.24 15.24
CA LEU B 244 -9.35 0.15 14.24
C LEU B 244 -9.49 1.48 13.51
N TYR B 245 -9.43 1.45 12.18
CA TYR B 245 -9.72 2.64 11.38
C TYR B 245 -10.79 2.33 10.35
N TYR B 246 -11.81 3.18 10.26
CA TYR B 246 -12.76 3.00 9.16
C TYR B 246 -12.09 3.36 7.85
N VAL B 247 -12.46 2.64 6.78
CA VAL B 247 -11.92 2.89 5.45
C VAL B 247 -12.52 4.16 4.87
N ASP B 248 -11.66 4.97 4.26
CA ASP B 248 -12.10 6.16 3.56
C ASP B 248 -11.97 5.92 2.06
N GLY B 249 -12.96 6.38 1.30
CA GLY B 249 -12.88 6.33 -0.13
C GLY B 249 -13.85 5.36 -0.76
N LEU B 250 -14.57 4.57 0.03
CA LEU B 250 -15.63 3.76 -0.54
C LEU B 250 -16.88 4.62 -0.71
N PRO B 251 -17.83 4.17 -1.50
CA PRO B 251 -19.12 4.89 -1.56
C PRO B 251 -19.73 5.04 -0.18
N GLU B 252 -20.54 6.10 -0.04
CA GLU B 252 -21.24 6.33 1.21
C GLU B 252 -22.14 5.15 1.54
N PRO B 253 -22.35 4.87 2.83
CA PRO B 253 -23.07 3.63 3.20
C PRO B 253 -24.42 3.48 2.51
N ASP B 254 -25.17 4.58 2.34
CA ASP B 254 -26.50 4.49 1.73
C ASP B 254 -26.45 4.17 0.25
N ARG B 255 -25.30 4.32 -0.39
CA ARG B 255 -25.16 3.99 -1.80
C ARG B 255 -24.75 2.54 -2.04
N ILE B 256 -24.43 1.78 -0.98
CA ILE B 256 -23.92 0.43 -1.13
C ILE B 256 -25.09 -0.54 -0.95
N SER B 257 -25.39 -1.31 -1.98
CA SER B 257 -26.34 -2.39 -1.86
C SER B 257 -25.71 -3.57 -1.12
N SER B 258 -24.51 -3.98 -1.54
CA SER B 258 -23.83 -5.10 -0.90
C SER B 258 -22.36 -5.06 -1.28
N PHE B 259 -21.55 -5.74 -0.48
CA PHE B 259 -20.19 -6.12 -0.84
C PHE B 259 -20.18 -7.58 -1.28
N SER B 260 -19.25 -7.93 -2.18
CA SER B 260 -19.12 -9.35 -2.51
C SER B 260 -18.59 -10.10 -1.28
N GLY B 261 -18.80 -11.41 -1.27
CA GLY B 261 -18.60 -12.13 -0.02
C GLY B 261 -17.15 -12.42 0.32
N THR B 262 -16.26 -12.44 -0.67
CA THR B 262 -14.88 -12.86 -0.45
C THR B 262 -13.90 -11.93 -1.12
N PRO B 263 -13.23 -11.06 -0.37
CA PRO B 263 -12.21 -10.20 -0.95
C PRO B 263 -11.07 -11.04 -1.48
N PHE B 264 -10.34 -10.45 -2.43
CA PHE B 264 -9.12 -11.03 -2.98
C PHE B 264 -7.94 -10.17 -2.53
N CYS B 265 -6.92 -10.80 -1.96
CA CYS B 265 -5.83 -10.07 -1.33
C CYS B 265 -4.52 -10.44 -2.01
N GLU B 266 -3.80 -9.43 -2.47
CA GLU B 266 -2.46 -9.64 -2.99
C GLU B 266 -1.71 -8.33 -2.82
N ASN B 267 -0.39 -8.45 -2.82
CA ASN B 267 0.49 -7.30 -2.77
C ASN B 267 0.16 -6.37 -1.60
N GLY B 268 -0.26 -6.94 -0.47
CA GLY B 268 -0.48 -6.13 0.70
C GLY B 268 -1.82 -5.42 0.79
N VAL B 269 -2.70 -5.59 -0.20
CA VAL B 269 -3.97 -4.87 -0.23
C VAL B 269 -5.11 -5.86 -0.41
N ALA B 270 -6.34 -5.34 -0.23
CA ALA B 270 -7.56 -6.15 -0.34
C ALA B 270 -8.42 -5.59 -1.47
N TYR B 271 -8.83 -6.44 -2.40
CA TYR B 271 -9.69 -6.06 -3.50
C TYR B 271 -11.09 -6.55 -3.18
N VAL B 272 -12.04 -5.61 -3.13
CA VAL B 272 -13.40 -5.85 -2.65
C VAL B 272 -14.39 -5.52 -3.76
N GLY B 273 -15.33 -6.43 -4.01
CA GLY B 273 -16.44 -6.13 -4.90
C GLY B 273 -17.47 -5.25 -4.23
N VAL B 274 -17.79 -4.11 -4.85
CA VAL B 274 -18.79 -3.19 -4.32
C VAL B 274 -19.96 -3.09 -5.30
N ILE B 275 -21.17 -3.30 -4.80
CA ILE B 275 -22.37 -3.33 -5.62
C ILE B 275 -23.21 -2.13 -5.21
N PRO B 276 -23.32 -1.09 -6.04
CA PRO B 276 -24.09 0.10 -5.65
C PRO B 276 -25.58 -0.11 -5.77
N ILE B 277 -26.31 0.68 -4.97
CA ILE B 277 -27.76 0.78 -5.10
C ILE B 277 -28.10 1.26 -6.50
N THR B 278 -29.17 0.71 -7.07
CA THR B 278 -29.65 1.09 -8.39
C THR B 278 -30.56 2.30 -8.32
N THR B 283 -27.65 4.25 -14.18
CA THR B 283 -26.43 3.54 -14.57
C THR B 283 -25.33 3.68 -13.51
N ASN B 284 -25.25 2.71 -12.61
CA ASN B 284 -24.20 2.66 -11.60
C ASN B 284 -23.74 1.21 -11.51
N HIS B 285 -22.62 0.90 -12.16
CA HIS B 285 -22.21 -0.51 -12.22
C HIS B 285 -21.41 -0.92 -10.99
N PRO B 286 -21.41 -2.20 -10.65
CA PRO B 286 -20.46 -2.69 -9.65
C PRO B 286 -19.01 -2.43 -10.04
N ALA B 287 -18.13 -2.37 -9.04
CA ALA B 287 -16.72 -2.16 -9.33
C ALA B 287 -15.89 -2.80 -8.22
N ILE B 288 -14.64 -3.07 -8.53
CA ILE B 288 -13.70 -3.59 -7.55
C ILE B 288 -12.88 -2.44 -6.98
N TYR B 289 -12.94 -2.28 -5.66
CA TYR B 289 -12.16 -1.26 -4.94
C TYR B 289 -10.94 -1.89 -4.26
N LYS B 290 -9.83 -1.18 -4.33
CA LYS B 290 -8.59 -1.58 -3.69
C LYS B 290 -8.52 -0.87 -2.35
N ILE B 291 -8.41 -1.65 -1.27
CA ILE B 291 -8.26 -1.12 0.08
C ILE B 291 -6.81 -1.33 0.53
N ASP B 292 -6.11 -0.22 0.79
CA ASP B 292 -4.77 -0.27 1.34
C ASP B 292 -4.89 -0.23 2.86
N PRO B 293 -4.52 -1.30 3.56
CA PRO B 293 -4.72 -1.30 5.02
C PRO B 293 -3.82 -0.34 5.75
N VAL B 294 -2.63 -0.03 5.20
CA VAL B 294 -1.70 0.82 5.93
C VAL B 294 -2.28 2.23 6.08
N THR B 295 -3.00 2.72 5.07
CA THR B 295 -3.58 4.05 5.08
C THR B 295 -5.10 4.04 5.20
N HIS B 296 -5.70 2.85 5.38
CA HIS B 296 -7.16 2.70 5.43
C HIS B 296 -7.86 3.53 4.34
N THR B 297 -7.32 3.44 3.12
CA THR B 297 -7.86 4.18 1.97
C THR B 297 -8.25 3.21 0.85
N ALA B 298 -9.35 3.55 0.16
CA ALA B 298 -9.91 2.74 -0.93
C ALA B 298 -9.93 3.56 -2.21
N THR B 299 -9.66 2.89 -3.32
CA THR B 299 -9.62 3.48 -4.66
CA THR B 299 -9.74 3.53 -4.63
C THR B 299 -10.48 2.62 -5.59
N LYS B 300 -11.29 3.24 -6.43
CA LYS B 300 -12.08 2.50 -7.38
C LYS B 300 -11.21 2.01 -8.54
N GLY B 301 -11.33 0.70 -8.86
CA GLY B 301 -10.59 0.11 -9.95
C GLY B 301 -11.47 -0.39 -11.08
N LEU B 302 -11.34 -1.67 -11.42
CA LEU B 302 -12.10 -2.30 -12.50
C LEU B 302 -13.60 -2.14 -12.33
N THR B 303 -14.29 -1.72 -13.39
CA THR B 303 -15.75 -1.72 -13.42
C THR B 303 -16.25 -3.04 -14.02
N VAL B 304 -17.33 -3.57 -13.45
CA VAL B 304 -17.90 -4.83 -13.91
C VAL B 304 -19.29 -4.52 -14.46
N ASN B 305 -19.46 -4.67 -15.79
CA ASN B 305 -20.73 -4.34 -16.41
C ASN B 305 -21.69 -5.53 -16.31
N ALA B 306 -22.18 -5.73 -15.09
CA ALA B 306 -23.08 -6.84 -14.75
C ALA B 306 -23.86 -6.46 -13.49
N THR B 307 -24.67 -7.41 -12.99
CA THR B 307 -25.50 -7.15 -11.82
C THR B 307 -24.67 -7.22 -10.54
N GLY B 308 -23.84 -8.26 -10.41
CA GLY B 308 -23.15 -8.50 -9.16
C GLY B 308 -21.80 -9.13 -9.40
N ILE B 309 -21.03 -9.29 -8.30
CA ILE B 309 -19.71 -9.89 -8.34
C ILE B 309 -19.73 -11.04 -7.34
N THR B 310 -19.37 -12.25 -7.79
CA THR B 310 -19.42 -13.41 -6.90
C THR B 310 -18.08 -14.09 -6.66
N ALA B 311 -16.99 -13.65 -7.28
CA ALA B 311 -15.66 -14.18 -6.96
C ALA B 311 -14.63 -13.29 -7.61
N ILE B 312 -13.45 -13.19 -6.97
CA ILE B 312 -12.30 -12.46 -7.52
C ILE B 312 -11.05 -13.27 -7.21
N GLY B 313 -10.23 -13.50 -8.21
CA GLY B 313 -9.00 -14.23 -7.99
C GLY B 313 -8.18 -14.30 -9.25
N ARG B 314 -7.27 -15.27 -9.29
CA ARG B 314 -6.38 -15.50 -10.42
C ARG B 314 -6.35 -16.96 -10.83
N LEU B 315 -6.20 -17.17 -12.14
CA LEU B 315 -5.85 -18.49 -12.66
C LEU B 315 -4.61 -18.38 -13.54
N ALA B 316 -3.80 -19.43 -13.49
CA ALA B 316 -2.53 -19.50 -14.19
C ALA B 316 -2.32 -20.91 -14.74
N LYS B 317 -1.57 -20.99 -15.83
CA LYS B 317 -1.18 -22.28 -16.41
C LYS B 317 0.01 -22.01 -17.31
N ASP B 318 1.13 -22.66 -17.01
CA ASP B 318 2.36 -22.47 -17.79
C ASP B 318 2.70 -21.00 -17.91
N SER B 319 2.73 -20.48 -19.15
CA SER B 319 3.14 -19.11 -19.38
C SER B 319 1.99 -18.12 -19.29
N HIS B 320 0.77 -18.58 -19.01
CA HIS B 320 -0.42 -17.75 -19.04
C HIS B 320 -0.93 -17.53 -17.63
N SER B 321 -1.38 -16.31 -17.36
CA SER B 321 -2.09 -16.06 -16.10
C SER B 321 -3.01 -14.85 -16.30
N THR B 322 -4.06 -14.79 -15.49
CA THR B 322 -5.04 -13.73 -15.63
C THR B 322 -5.76 -13.58 -14.30
N TYR B 323 -6.28 -12.38 -14.05
CA TYR B 323 -7.33 -12.27 -13.06
C TYR B 323 -8.63 -12.84 -13.62
N VAL B 324 -9.43 -13.43 -12.73
CA VAL B 324 -10.77 -13.90 -13.08
C VAL B 324 -11.76 -13.23 -12.14
N VAL B 325 -12.81 -12.66 -12.72
CA VAL B 325 -13.90 -12.05 -11.99
C VAL B 325 -15.18 -12.80 -12.35
N SER B 326 -15.84 -13.35 -11.34
CA SER B 326 -17.11 -14.05 -11.54
C SER B 326 -18.23 -13.04 -11.34
N ALA B 327 -19.09 -12.90 -12.34
CA ALA B 327 -20.10 -11.84 -12.33
C ALA B 327 -21.48 -12.39 -12.61
N THR B 328 -22.46 -11.95 -11.84
CA THR B 328 -23.84 -12.38 -12.07
C THR B 328 -24.56 -11.42 -13.00
N VAL B 329 -25.42 -11.97 -13.85
CA VAL B 329 -26.30 -11.20 -14.72
C VAL B 329 -27.73 -11.63 -14.40
N THR B 330 -28.47 -10.76 -13.73
CA THR B 330 -29.84 -11.04 -13.34
C THR B 330 -30.79 -10.19 -14.17
N SER B 331 -31.65 -10.86 -14.91
CA SER B 331 -32.65 -10.18 -15.71
C SER B 331 -34.02 -10.36 -15.07
N ALA B 332 -35.06 -9.88 -15.76
CA ALA B 332 -36.42 -10.01 -15.24
C ALA B 332 -36.85 -11.47 -15.14
N ASN B 333 -36.27 -12.35 -15.95
CA ASN B 333 -36.76 -13.73 -16.02
C ASN B 333 -35.68 -14.78 -15.84
N SER B 334 -34.45 -14.39 -15.47
CA SER B 334 -33.38 -15.39 -15.41
C SER B 334 -32.25 -14.90 -14.55
N THR B 335 -31.39 -15.84 -14.19
CA THR B 335 -30.10 -15.57 -13.58
C THR B 335 -29.03 -16.24 -14.44
N ALA B 336 -27.86 -15.61 -14.50
CA ALA B 336 -26.72 -16.18 -15.20
C ALA B 336 -25.45 -15.77 -14.49
N ASN B 337 -24.35 -16.44 -14.80
CA ASN B 337 -23.09 -16.14 -14.18
C ASN B 337 -22.01 -16.29 -15.23
N TYR B 338 -21.03 -15.37 -15.23
CA TYR B 338 -19.94 -15.40 -16.19
C TYR B 338 -18.60 -15.27 -15.47
N LEU B 339 -17.65 -16.09 -15.88
CA LEU B 339 -16.25 -15.93 -15.49
C LEU B 339 -15.59 -15.06 -16.56
N LEU B 340 -15.01 -13.95 -16.14
CA LEU B 340 -14.51 -12.92 -17.04
C LEU B 340 -13.02 -12.73 -16.76
N ALA B 341 -12.20 -12.89 -17.80
CA ALA B 341 -10.75 -12.71 -17.66
C ALA B 341 -10.37 -11.25 -17.82
N THR B 342 -9.43 -10.79 -17.00
CA THR B 342 -8.93 -9.43 -17.15
C THR B 342 -7.47 -9.33 -16.68
N SER B 343 -6.72 -8.37 -17.26
CA SER B 343 -5.31 -8.26 -16.94
C SER B 343 -5.04 -7.41 -15.72
N THR B 344 -6.03 -6.66 -15.26
CA THR B 344 -5.80 -5.79 -14.10
C THR B 344 -7.11 -5.59 -13.35
N LEU B 345 -6.99 -5.43 -12.04
CA LEU B 345 -8.13 -5.04 -11.22
C LEU B 345 -8.13 -3.54 -10.94
N GLU B 346 -7.14 -2.82 -11.48
CA GLU B 346 -6.93 -1.45 -11.04
C GLU B 346 -7.50 -0.41 -12.00
N SER B 347 -8.04 -0.82 -13.14
CA SER B 347 -8.58 0.13 -14.12
C SER B 347 -9.37 -0.68 -15.13
N GLY B 348 -10.09 0.02 -16.01
CA GLY B 348 -10.73 -0.70 -17.09
C GLY B 348 -12.09 -1.26 -16.70
N SER B 349 -12.62 -2.09 -17.59
CA SER B 349 -13.89 -2.76 -17.35
C SER B 349 -13.88 -4.16 -17.94
N VAL B 350 -14.81 -4.97 -17.45
CA VAL B 350 -15.14 -6.28 -18.03
C VAL B 350 -16.63 -6.33 -18.29
N THR B 351 -17.01 -7.02 -19.38
CA THR B 351 -18.38 -7.15 -19.85
C THR B 351 -18.59 -8.57 -20.33
N PRO B 352 -19.63 -9.26 -19.86
CA PRO B 352 -19.98 -10.55 -20.48
C PRO B 352 -20.17 -10.36 -21.98
N GLY B 353 -19.63 -11.31 -22.75
CA GLY B 353 -19.74 -11.26 -24.19
C GLY B 353 -18.53 -10.66 -24.86
N ASN B 354 -17.65 -10.02 -24.09
CA ASN B 354 -16.42 -9.41 -24.56
C ASN B 354 -15.22 -10.18 -24.01
N ASN B 355 -14.14 -10.16 -24.78
CA ASN B 355 -12.86 -10.76 -24.37
C ASN B 355 -13.12 -12.24 -24.05
N ASN B 356 -12.30 -12.83 -23.20
CA ASN B 356 -12.42 -14.23 -22.84
C ASN B 356 -13.41 -14.34 -21.69
N GLY B 357 -14.52 -15.02 -21.94
CA GLY B 357 -15.55 -15.19 -20.93
C GLY B 357 -16.13 -16.58 -21.01
N PHE B 358 -16.66 -17.05 -19.88
CA PHE B 358 -17.14 -18.42 -19.77
C PHE B 358 -18.42 -18.44 -18.93
N GLU B 359 -19.52 -18.96 -19.49
CA GLU B 359 -20.79 -18.88 -18.78
C GLU B 359 -20.93 -20.11 -17.88
N THR B 360 -21.40 -19.89 -16.66
CA THR B 360 -21.66 -20.98 -15.73
C THR B 360 -23.06 -20.80 -15.15
N ALA B 361 -23.58 -21.86 -14.51
CA ALA B 361 -24.72 -21.61 -13.63
C ALA B 361 -24.28 -20.78 -12.41
N THR B 362 -25.23 -20.14 -11.76
CA THR B 362 -24.88 -19.52 -10.49
C THR B 362 -24.46 -20.59 -9.51
N GLY B 363 -23.62 -20.22 -8.56
CA GLY B 363 -23.17 -21.15 -7.55
C GLY B 363 -23.40 -20.61 -6.15
N THR B 364 -23.59 -21.55 -5.20
CA THR B 364 -23.79 -21.15 -3.80
C THR B 364 -22.57 -20.40 -3.26
N ALA B 365 -21.38 -20.91 -3.56
CA ALA B 365 -20.15 -20.35 -3.04
C ALA B 365 -19.06 -20.62 -4.05
N TRP B 366 -18.03 -19.77 -4.03
CA TRP B 366 -16.89 -19.90 -4.92
C TRP B 366 -15.60 -19.87 -4.13
N ILE B 367 -14.63 -20.69 -4.53
CA ILE B 367 -13.33 -20.64 -3.86
C ILE B 367 -12.19 -20.95 -4.84
N PHE B 368 -11.16 -20.08 -4.85
CA PHE B 368 -9.96 -20.34 -5.64
C PHE B 368 -9.01 -21.22 -4.86
N TYR B 369 -8.49 -22.27 -5.52
CA TYR B 369 -7.39 -23.06 -4.99
C TYR B 369 -6.11 -22.44 -5.55
N LYS B 370 -5.38 -21.74 -4.71
CA LYS B 370 -4.20 -20.95 -5.10
C LYS B 370 -4.57 -20.14 -6.35
N ASP B 371 -3.79 -20.19 -7.40
CA ASP B 371 -4.14 -19.65 -8.71
C ASP B 371 -4.26 -20.77 -9.75
N GLN B 372 -4.62 -21.97 -9.31
CA GLN B 372 -4.70 -23.17 -10.16
C GLN B 372 -6.12 -23.48 -10.57
N TYR B 373 -7.07 -23.44 -9.63
CA TYR B 373 -8.43 -23.85 -9.91
C TYR B 373 -9.39 -22.89 -9.24
N LEU B 374 -10.56 -22.76 -9.85
CA LEU B 374 -11.71 -22.06 -9.29
C LEU B 374 -12.82 -23.09 -9.12
N TYR B 375 -13.26 -23.30 -7.88
CA TYR B 375 -14.35 -24.23 -7.59
C TYR B 375 -15.65 -23.49 -7.38
N ARG B 376 -16.68 -23.92 -8.11
CA ARG B 376 -18.05 -23.42 -7.95
C ARG B 376 -18.83 -24.41 -7.10
N LEU B 377 -18.96 -24.13 -5.82
CA LEU B 377 -19.62 -25.06 -4.90
C LEU B 377 -21.14 -24.91 -4.96
N GLN B 378 -21.84 -26.03 -5.23
CA GLN B 378 -23.29 -25.97 -5.36
C GLN B 378 -23.82 -27.34 -4.95
N TYR B 379 -24.82 -27.35 -4.09
CA TYR B 379 -25.58 -28.56 -3.76
C TYR B 379 -26.97 -28.44 -4.40
N ASN B 380 -27.74 -29.52 -4.33
CA ASN B 380 -29.15 -29.46 -4.77
C ASN B 380 -29.93 -28.30 -4.13
N GLY B 385 -28.46 -30.01 -9.38
CA GLY B 385 -27.41 -29.06 -9.05
C GLY B 385 -26.10 -29.77 -8.75
N VAL B 386 -25.00 -29.30 -9.35
CA VAL B 386 -23.69 -29.93 -9.24
C VAL B 386 -22.61 -28.89 -8.99
N THR B 387 -21.53 -29.35 -8.36
CA THR B 387 -20.33 -28.57 -8.13
C THR B 387 -19.39 -28.74 -9.30
N THR B 388 -18.87 -27.62 -9.83
CA THR B 388 -18.01 -27.64 -11.00
C THR B 388 -16.72 -26.89 -10.66
N ALA B 389 -15.72 -27.05 -11.54
CA ALA B 389 -14.42 -26.43 -11.33
C ALA B 389 -13.83 -26.01 -12.66
N TYR B 390 -12.94 -25.00 -12.60
CA TYR B 390 -12.40 -24.33 -13.77
C TYR B 390 -10.90 -24.14 -13.61
N GLU B 391 -10.22 -24.01 -14.75
CA GLU B 391 -8.79 -23.80 -14.77
C GLU B 391 -8.49 -23.04 -16.04
N LEU B 392 -7.21 -22.70 -16.24
CA LEU B 392 -6.79 -22.19 -17.53
C LEU B 392 -6.28 -23.35 -18.37
N ASN B 393 -6.63 -23.34 -19.66
CA ASN B 393 -6.06 -24.31 -20.58
C ASN B 393 -4.67 -23.84 -21.04
N THR B 394 -4.01 -24.65 -21.90
CA THR B 394 -2.64 -24.33 -22.28
C THR B 394 -2.55 -23.09 -23.15
N ASN B 395 -3.65 -22.66 -23.75
CA ASN B 395 -3.66 -21.45 -24.56
C ASN B 395 -4.04 -20.21 -23.76
N GLY B 396 -4.31 -20.34 -22.46
CA GLY B 396 -4.63 -19.21 -21.62
C GLY B 396 -6.10 -18.92 -21.45
N GLY B 397 -6.99 -19.78 -21.95
CA GLY B 397 -8.42 -19.54 -21.86
C GLY B 397 -9.01 -20.26 -20.66
N ILE B 398 -10.12 -19.69 -20.16
CA ILE B 398 -10.87 -20.34 -19.08
C ILE B 398 -11.54 -21.60 -19.60
N ALA B 399 -11.44 -22.69 -18.83
CA ALA B 399 -12.00 -23.97 -19.23
C ALA B 399 -12.52 -24.72 -18.01
N LYS B 400 -13.47 -25.64 -18.27
CA LYS B 400 -14.07 -26.43 -17.21
C LYS B 400 -13.25 -27.71 -17.00
N ARG B 401 -13.01 -28.05 -15.73
CA ARG B 401 -12.35 -29.31 -15.41
C ARG B 401 -13.25 -30.49 -15.79
N SER B 402 -12.62 -31.64 -16.01
CA SER B 402 -13.34 -32.78 -16.57
C SER B 402 -14.40 -33.34 -15.62
N ASN B 403 -14.16 -33.30 -14.32
CA ASN B 403 -15.14 -33.86 -13.38
C ASN B 403 -15.98 -32.79 -12.69
N GLU B 404 -17.25 -33.09 -12.47
CA GLU B 404 -18.15 -32.33 -11.60
C GLU B 404 -18.67 -33.25 -10.49
N TYR B 405 -19.32 -32.67 -9.48
CA TYR B 405 -19.60 -33.42 -8.26
C TYR B 405 -20.97 -33.10 -7.69
N THR B 406 -21.64 -34.14 -7.21
CA THR B 406 -22.90 -33.99 -6.48
C THR B 406 -22.55 -34.01 -5.00
N ILE B 407 -22.76 -32.89 -4.32
CA ILE B 407 -22.42 -32.77 -2.92
C ILE B 407 -23.66 -32.39 -2.11
N THR B 408 -23.54 -32.52 -0.80
CA THR B 408 -24.66 -32.15 0.05
C THR B 408 -24.52 -30.72 0.56
N ARG B 409 -25.62 -30.23 1.13
CA ARG B 409 -25.67 -28.88 1.67
C ARG B 409 -24.56 -28.66 2.68
N PHE B 410 -23.92 -27.49 2.62
CA PHE B 410 -22.83 -27.17 3.52
C PHE B 410 -23.07 -25.82 4.17
N THR B 411 -22.51 -25.63 5.37
CA THR B 411 -22.54 -24.32 6.03
C THR B 411 -21.17 -23.70 6.24
N THR B 412 -20.09 -24.44 5.94
CA THR B 412 -18.75 -23.91 5.87
C THR B 412 -17.92 -24.67 4.84
N TYR B 413 -16.84 -24.05 4.38
CA TYR B 413 -15.94 -24.65 3.41
C TYR B 413 -14.60 -23.94 3.49
N GLY B 414 -13.54 -24.68 3.14
CA GLY B 414 -12.19 -24.12 3.13
C GLY B 414 -11.23 -25.14 2.57
N ILE B 415 -9.96 -24.76 2.51
CA ILE B 415 -8.92 -25.61 1.93
C ILE B 415 -7.94 -26.03 3.01
N PHE B 416 -7.58 -27.33 3.02
CA PHE B 416 -6.38 -27.79 3.72
C PHE B 416 -5.58 -28.67 2.78
N GLY B 417 -4.32 -28.30 2.53
CA GLY B 417 -3.48 -29.15 1.67
C GLY B 417 -4.12 -29.32 0.31
N GLU B 418 -4.32 -30.58 -0.11
CA GLU B 418 -4.78 -30.82 -1.46
C GLU B 418 -6.29 -31.05 -1.57
N ASN B 419 -7.05 -30.67 -0.54
CA ASN B 419 -8.49 -30.87 -0.51
C ASN B 419 -9.26 -29.57 -0.29
N ILE B 420 -10.31 -29.37 -1.09
CA ILE B 420 -11.43 -28.54 -0.67
C ILE B 420 -12.27 -29.34 0.31
N ILE B 421 -12.66 -28.69 1.41
CA ILE B 421 -13.38 -29.37 2.49
C ILE B 421 -14.66 -28.58 2.77
N SER B 422 -15.78 -29.27 2.81
CA SER B 422 -17.06 -28.65 3.14
C SER B 422 -17.68 -29.41 4.32
N SER B 423 -18.51 -28.73 5.09
CA SER B 423 -19.02 -29.33 6.33
C SER B 423 -20.41 -28.79 6.64
N SER B 424 -21.13 -29.53 7.48
CA SER B 424 -22.45 -29.13 7.98
CA SER B 424 -22.45 -29.13 7.97
C SER B 424 -22.79 -29.99 9.19
N ALA B 425 -23.78 -29.52 9.96
CA ALA B 425 -24.40 -30.33 11.01
C ALA B 425 -25.54 -31.10 10.39
N VAL B 426 -25.68 -32.39 10.75
CA VAL B 426 -26.63 -33.29 10.08
C VAL B 426 -27.30 -34.16 11.12
N ASP B 427 -28.45 -34.70 10.76
CA ASP B 427 -29.03 -35.84 11.48
C ASP B 427 -28.34 -37.11 11.01
N ALA B 428 -27.94 -37.96 11.95
CA ALA B 428 -27.39 -39.27 11.63
C ALA B 428 -27.75 -40.23 12.74
N THR B 429 -27.65 -41.53 12.43
CA THR B 429 -27.89 -42.59 13.40
C THR B 429 -26.54 -43.12 13.88
N PHE B 430 -26.42 -43.29 15.20
CA PHE B 430 -25.17 -43.77 15.77
C PHE B 430 -25.43 -45.03 16.62
CL CL C . 18.80 -0.95 -16.83
O1 MES D . 32.97 22.96 14.67
C2 MES D . 32.70 23.69 13.49
C3 MES D . 33.48 23.12 12.33
N4 MES D . 34.93 23.16 12.64
C5 MES D . 35.21 22.40 13.90
C6 MES D . 34.33 22.95 15.01
C7 MES D . 35.70 22.61 11.48
C8 MES D . 35.56 23.54 10.29
S MES D . 35.93 22.63 8.78
O1S MES D . 34.85 21.64 8.58
O2S MES D . 37.21 21.92 9.05
O3S MES D . 35.98 23.69 7.75
CA CA E . -28.03 -18.05 -20.10
CA CA F . 0.75 -27.06 0.93
CL CL G . 2.06 -11.32 10.67
O1 MES H . -25.18 -21.55 -19.18
C2 MES H . -25.32 -22.46 -18.12
C3 MES H . -24.00 -23.13 -17.83
N4 MES H . -23.49 -23.83 -19.04
C5 MES H . -23.42 -22.84 -20.19
C6 MES H . -24.77 -22.22 -20.34
C7 MES H . -22.14 -24.42 -18.73
C8 MES H . -22.25 -25.42 -17.60
S MES H . -20.62 -25.73 -16.87
O1S MES H . -19.71 -25.97 -18.00
O2S MES H . -20.86 -26.89 -16.00
O3S MES H . -20.30 -24.52 -16.12
#